data_7RKY
#
_entry.id   7RKY
#
_cell.length_a   1.00
_cell.length_b   1.00
_cell.length_c   1.00
_cell.angle_alpha   90.00
_cell.angle_beta   90.00
_cell.angle_gamma   90.00
#
_symmetry.space_group_name_H-M   'P 1'
#
loop_
_entity.id
_entity.type
_entity.pdbx_description
1 polymer 'Guanine nucleotide-binding protein G(i) subunit alpha-1'
2 polymer 'Guanine nucleotide-binding protein G(I)/G(S)/G(T) subunit beta-1'
3 polymer 'Guanine nucleotide-binding protein G(I)/G(S)/G(O) subunit gamma-2'
4 polymer 'Antibody fragment scFv16'
5 polymer 'G-protein coupled receptor homolog US27'
6 non-polymer "GUANOSINE-5'-DIPHOSPHATE"
#
loop_
_entity_poly.entity_id
_entity_poly.type
_entity_poly.pdbx_seq_one_letter_code
_entity_poly.pdbx_strand_id
1 'polypeptide(L)'
;GCTLSAEDKAAVERSKMIDRNLREDGEKAAREVKLLLLGAGESGKSTIVKQMKIIHEAGYSEEECKQYKAVVYSNTIQSI
IAIIRAMGRLKIDFGDSARADDARQLFVLAGAAEEGFMTAELAGVIKRLWKDSGVQACFNRSREYQLNDSAAYYLNDLDR
IAQPNYIPTQQDVLRTRVKTTGIVETHFTFKDLHFKMFDVGGQRSERKKWIHCFEGVTAIIFCVALSDYDLVLAEDEEMN
RMHESMKLFDSICNNKWFTDTSIILFLNKKDLFEEKIKKSPLTICYPEYAGSNTYEEAAAYIQCQFEDLNKRKDTKEIYT
HFTCATDTKNVQFVFDAVTDVIIKNNLKDCGLF
;
A
2 'polypeptide(L)'
;GPGSSGSELDQLRQEAEQLKNQIRDARKACADATLSQITNNIDPVGRIQMRTRRTLRGHLAKIYAMHWGTDSRLLVSASQ
DGKLIIWDSYTTNKVHAIPLRSSWVMTCAYAPSGNYVACGGLDNICSIYNLKTREGNVRVSRELAGHTGYLSCCRFLDDN
QIVTSSGDTTCALWDIETGQQTTTFTGHTGDVMSLSLAPDTRLFVSGACDASAKLWDVREGMCRQTFTGHESDINAICFF
PNGNAFATGSDDATCRLFDLRADQELMTYSHDNIICGITSVSFSKSGRLLLAGYDDFNCNVWDALKADRAGVLAGHDNRV
SCLGVTDDGMAVATGSWDSFLKIWN
;
B
3 'polypeptide(L)' ASNNTASIAQARKLVEQLKMEANIDRIKVSKAAADLMAYCEAHAKEDPLLTPVPASENPFREKKFFC C
4 'polypeptide(L)'
;DVQLVESGGGLVQPGGSRKLSCSASGFAFSSFGMHWVRQAPEKGLEWVAYISSGSGTIYYADTVKGRFTISRDDPKNTLF
LQMTSLRSEDTAMYYCVRSIYYYGSSPFDFWGQGTTLTVSSGGGGSGGGGSGGGGSDIVMTQATSSVPVTPGESVSISCR
SSKSLLHSNGNTYLYWFLQRPGQSPQLLIYRMSNLASGVPDRFSGSGSGTAFTLTISRLEAEDVGVYYCMQHLEYPLTFG
AGTKLELKGSLEVLFQ
;
D
5 'polypeptide(L)'
;DYKDDDDMTTSTNNQTLTQVSNMTNHTLNSTEIYQLFEYTRLGVWLMCIVGTFLNVLVITTILYYRRKKKSPSDTYICNL
AVADLLIVVGLPFFLEYAKHHPKLSREVVCSGLNACFYICLFAGVCFLINLSMDRYCVIVWGVELNRVRNNKRATCWVVI
FWILAVLMGMPHYLMYSHTNNECVGEFANETSGWFPVFLNTKVNICGYLAPIALMAYTYNRMVRFIINYVGKWHMQTLHV
LLVVVVSFASFWFPFNLALFLESIRLLAGVYNDTLQNVIIFCLYVGQFLAYVRACLNPGIYILVGTQMRKDMWTTLRVFA
CCCVKQEIPYQDIDIELQKDIQRRAKHTKRTHYDRKNAPMESGEEEFLLSRGAAHHHHHHHH
;
R
#
loop_
_chem_comp.id
_chem_comp.type
_chem_comp.name
_chem_comp.formula
GDP RNA linking GUANOSINE-5'-DIPHOSPHATE 'C10 H15 N5 O11 P2'
#
# COMPACT_ATOMS: atom_id res chain seq x y z
N GLY A 1 -6.80 -18.81 21.05
CA GLY A 1 -6.95 -20.04 20.29
C GLY A 1 -6.32 -21.25 20.96
N CYS A 2 -6.80 -22.44 20.61
CA CYS A 2 -6.28 -23.66 21.18
C CYS A 2 -5.90 -24.66 20.09
N THR A 3 -6.53 -24.52 18.92
CA THR A 3 -6.26 -25.42 17.80
C THR A 3 -4.93 -25.12 17.13
N LEU A 4 -4.32 -23.98 17.42
CA LEU A 4 -3.07 -23.59 16.79
C LEU A 4 -1.94 -24.53 17.17
N SER A 5 -1.06 -24.83 16.21
CA SER A 5 0.06 -25.72 16.44
C SER A 5 1.23 -24.96 17.06
N ALA A 6 2.39 -25.59 17.15
CA ALA A 6 3.55 -24.94 17.72
C ALA A 6 4.14 -23.90 16.78
N GLU A 7 4.20 -24.21 15.49
CA GLU A 7 4.79 -23.28 14.53
C GLU A 7 3.86 -22.13 14.20
N ASP A 8 2.54 -22.35 14.24
CA ASP A 8 1.60 -21.32 13.82
C ASP A 8 1.61 -20.12 14.76
N LYS A 9 1.87 -20.35 16.05
CA LYS A 9 1.95 -19.24 16.99
C LYS A 9 3.10 -18.30 16.65
N ALA A 10 4.24 -18.87 16.21
CA ALA A 10 5.35 -18.04 15.77
C ALA A 10 4.97 -17.23 14.53
N ALA A 11 4.22 -17.83 13.61
CA ALA A 11 3.75 -17.09 12.45
C ALA A 11 2.85 -15.94 12.85
N VAL A 12 1.94 -16.18 13.79
CA VAL A 12 1.03 -15.14 14.24
C VAL A 12 1.79 -14.00 14.91
N GLU A 13 2.77 -14.33 15.75
CA GLU A 13 3.51 -13.27 16.42
C GLU A 13 4.39 -12.49 15.43
N ARG A 14 4.94 -13.16 14.42
CA ARG A 14 5.67 -12.43 13.39
C ARG A 14 4.75 -11.49 12.62
N SER A 15 3.53 -11.94 12.33
CA SER A 15 2.55 -11.06 11.71
C SER A 15 2.26 -9.86 12.58
N LYS A 16 2.17 -10.06 13.90
CA LYS A 16 1.95 -8.95 14.80
C LYS A 16 3.10 -7.95 14.77
N MET A 17 4.35 -8.45 14.76
CA MET A 17 5.49 -7.54 14.69
C MET A 17 5.49 -6.76 13.38
N ILE A 18 5.15 -7.42 12.27
CA ILE A 18 5.07 -6.73 10.99
C ILE A 18 4.00 -5.65 11.03
N ASP A 19 2.86 -5.96 11.65
CA ASP A 19 1.79 -4.97 11.78
C ASP A 19 2.24 -3.77 12.59
N ARG A 20 2.95 -4.00 13.70
CA ARG A 20 3.40 -2.90 14.54
C ARG A 20 4.38 -2.01 13.79
N ASN A 21 5.36 -2.61 13.11
CA ASN A 21 6.33 -1.82 12.37
C ASN A 21 5.67 -1.06 11.23
N LEU A 22 4.73 -1.70 10.55
CA LEU A 22 4.03 -1.04 9.46
C LEU A 22 3.22 0.15 9.95
N ARG A 23 2.53 -0.01 11.08
CA ARG A 23 1.75 1.10 11.65
C ARG A 23 2.66 2.24 12.05
N GLU A 24 3.78 1.93 12.70
CA GLU A 24 4.71 2.98 13.12
C GLU A 24 5.24 3.76 11.93
N ASP A 25 5.67 3.04 10.89
CA ASP A 25 6.19 3.71 9.70
C ASP A 25 5.11 4.51 8.99
N GLY A 26 3.89 3.99 8.94
CA GLY A 26 2.81 4.71 8.29
C GLY A 26 2.46 6.01 8.98
N GLU A 27 2.32 5.98 10.31
CA GLU A 27 1.95 7.21 11.00
C GLU A 27 3.13 8.14 11.17
N LYS A 28 4.35 7.64 11.03
CA LYS A 28 5.52 8.51 11.12
C LYS A 28 5.54 9.52 9.97
N ALA A 29 5.19 9.09 8.77
CA ALA A 29 5.24 9.92 7.58
C ALA A 29 3.87 10.46 7.18
N ALA A 30 2.87 10.35 8.07
CA ALA A 30 1.54 10.87 7.78
C ALA A 30 1.38 12.33 8.17
N ARG A 31 2.40 12.93 8.79
CA ARG A 31 2.33 14.32 9.25
C ARG A 31 3.13 15.28 8.39
N GLU A 32 3.81 14.78 7.35
CA GLU A 32 4.65 15.65 6.53
C GLU A 32 3.80 16.45 5.55
N VAL A 33 4.47 17.33 4.81
CA VAL A 33 3.82 18.21 3.86
C VAL A 33 4.33 17.88 2.46
N LYS A 34 3.41 17.66 1.53
CA LYS A 34 3.75 17.26 0.16
C LYS A 34 3.35 18.37 -0.80
N LEU A 35 4.34 19.02 -1.40
CA LEU A 35 4.09 19.97 -2.47
C LEU A 35 4.25 19.28 -3.82
N LEU A 36 3.71 19.91 -4.85
CA LEU A 36 3.78 19.38 -6.20
C LEU A 36 3.90 20.53 -7.18
N LEU A 37 4.81 20.38 -8.14
CA LEU A 37 5.01 21.40 -9.17
C LEU A 37 4.36 20.95 -10.47
N LEU A 38 3.90 21.93 -11.25
CA LEU A 38 3.30 21.68 -12.56
C LEU A 38 3.78 22.79 -13.48
N GLY A 39 3.10 22.94 -14.62
CA GLY A 39 3.38 24.05 -15.51
C GLY A 39 3.65 23.57 -16.91
N ALA A 40 4.31 24.42 -17.69
CA ALA A 40 4.66 24.13 -19.07
C ALA A 40 6.17 23.98 -19.19
N GLY A 41 6.65 23.84 -20.42
CA GLY A 41 8.07 23.79 -20.66
C GLY A 41 8.74 25.10 -20.33
N GLU A 42 10.02 25.01 -19.97
CA GLU A 42 10.89 26.13 -19.58
C GLU A 42 10.22 27.14 -18.65
N SER A 43 9.32 26.65 -17.80
CA SER A 43 8.71 27.53 -16.81
C SER A 43 9.67 27.82 -15.65
N GLY A 44 10.49 26.85 -15.27
CA GLY A 44 11.46 27.07 -14.21
C GLY A 44 11.31 26.17 -13.00
N LYS A 45 10.81 24.95 -13.20
CA LYS A 45 10.62 24.04 -12.06
C LYS A 45 11.96 23.58 -11.50
N SER A 46 12.86 23.12 -12.36
CA SER A 46 14.15 22.61 -11.90
C SER A 46 14.97 23.71 -11.23
N THR A 47 14.81 24.95 -11.68
CA THR A 47 15.53 26.06 -11.06
C THR A 47 15.12 26.22 -9.61
N ILE A 48 13.82 26.19 -9.31
CA ILE A 48 13.43 26.35 -7.92
C ILE A 48 13.72 25.09 -7.12
N VAL A 49 13.78 23.93 -7.77
CA VAL A 49 14.19 22.72 -7.05
C VAL A 49 15.63 22.85 -6.58
N LYS A 50 16.51 23.27 -7.49
CA LYS A 50 17.92 23.46 -7.13
C LYS A 50 18.07 24.57 -6.09
N GLN A 51 17.27 25.64 -6.22
CA GLN A 51 17.30 26.71 -5.22
C GLN A 51 16.89 26.20 -3.85
N MET A 52 15.86 25.35 -3.81
CA MET A 52 15.41 24.81 -2.54
C MET A 52 16.48 23.94 -1.90
N LYS A 53 17.14 23.12 -2.70
CA LYS A 53 18.23 22.30 -2.17
C LYS A 53 19.39 23.16 -1.69
N ILE A 54 19.69 24.25 -2.41
CA ILE A 54 20.78 25.13 -2.00
C ILE A 54 20.46 25.81 -0.67
N ILE A 55 19.21 26.27 -0.51
CA ILE A 55 18.88 27.06 0.67
C ILE A 55 18.66 26.16 1.89
N HIS A 56 17.70 25.25 1.82
CA HIS A 56 17.21 24.62 3.03
C HIS A 56 17.94 23.36 3.44
N GLU A 57 18.90 22.88 2.65
CA GLU A 57 19.67 21.71 3.06
C GLU A 57 21.14 22.03 3.27
N ALA A 58 21.84 22.51 2.24
CA ALA A 58 23.27 22.76 2.27
C ALA A 58 23.66 23.38 0.93
N GLY A 59 24.91 23.80 0.83
CA GLY A 59 25.44 24.32 -0.40
C GLY A 59 25.91 23.22 -1.33
N TYR A 60 26.53 23.62 -2.42
CA TYR A 60 27.18 22.71 -3.35
C TYR A 60 28.69 22.74 -3.16
N SER A 61 29.28 21.57 -3.06
CA SER A 61 30.73 21.45 -2.92
C SER A 61 31.41 21.79 -4.25
N GLU A 62 32.73 21.96 -4.19
CA GLU A 62 33.48 22.36 -5.36
C GLU A 62 33.54 21.28 -6.43
N GLU A 63 33.35 20.02 -6.05
CA GLU A 63 33.47 18.93 -7.01
C GLU A 63 32.27 18.79 -7.94
N GLU A 64 31.11 19.35 -7.56
CA GLU A 64 29.93 19.26 -8.41
C GLU A 64 30.13 19.98 -9.73
N CYS A 65 30.79 21.14 -9.69
CA CYS A 65 31.04 21.90 -10.90
C CYS A 65 31.95 21.15 -11.87
N LYS A 66 32.75 20.20 -11.37
CA LYS A 66 33.59 19.39 -12.25
C LYS A 66 32.74 18.60 -13.24
N GLN A 67 31.68 17.94 -12.77
CA GLN A 67 30.82 17.22 -13.71
C GLN A 67 29.79 18.14 -14.36
N TYR A 68 29.49 19.29 -13.77
CA TYR A 68 28.60 20.22 -14.47
C TYR A 68 29.32 21.02 -15.56
N LYS A 69 30.65 20.93 -15.62
CA LYS A 69 31.38 21.58 -16.70
C LYS A 69 30.96 21.05 -18.06
N ALA A 70 30.75 19.74 -18.16
CA ALA A 70 30.34 19.16 -19.44
C ALA A 70 28.98 19.68 -19.87
N VAL A 71 28.02 19.77 -18.95
CA VAL A 71 26.68 20.19 -19.33
C VAL A 71 26.64 21.67 -19.64
N VAL A 72 27.42 22.49 -18.92
CA VAL A 72 27.43 23.92 -19.26
C VAL A 72 28.12 24.14 -20.59
N TYR A 73 29.17 23.36 -20.89
CA TYR A 73 29.79 23.44 -22.20
C TYR A 73 28.83 23.06 -23.30
N SER A 74 28.07 21.99 -23.09
CA SER A 74 27.07 21.57 -24.08
C SER A 74 26.01 22.65 -24.27
N ASN A 75 25.56 23.26 -23.18
CA ASN A 75 24.54 24.30 -23.27
C ASN A 75 25.05 25.49 -24.06
N THR A 76 26.28 25.94 -23.80
CA THR A 76 26.76 27.14 -24.49
C THR A 76 27.06 26.84 -25.96
N ILE A 77 27.57 25.65 -26.29
CA ILE A 77 27.82 25.35 -27.69
C ILE A 77 26.49 25.19 -28.44
N GLN A 78 25.48 24.61 -27.79
CA GLN A 78 24.16 24.54 -28.41
C GLN A 78 23.58 25.92 -28.64
N SER A 79 23.78 26.82 -27.68
CA SER A 79 23.29 28.19 -27.82
C SER A 79 23.96 28.89 -29.00
N ILE A 80 25.28 28.78 -29.12
CA ILE A 80 25.96 29.49 -30.19
C ILE A 80 25.64 28.88 -31.55
N ILE A 81 25.50 27.55 -31.63
CA ILE A 81 25.15 26.97 -32.92
C ILE A 81 23.71 27.31 -33.29
N ALA A 82 22.82 27.41 -32.30
CA ALA A 82 21.46 27.88 -32.59
C ALA A 82 21.48 29.31 -33.10
N ILE A 83 22.33 30.16 -32.51
CA ILE A 83 22.44 31.54 -32.95
C ILE A 83 22.92 31.61 -34.39
N ILE A 84 23.97 30.85 -34.71
CA ILE A 84 24.54 30.92 -36.05
C ILE A 84 23.66 30.21 -37.07
N ARG A 85 22.78 29.31 -36.63
CA ARG A 85 21.76 28.80 -37.55
C ARG A 85 20.65 29.81 -37.75
N ALA A 86 20.29 30.54 -36.70
CA ALA A 86 19.19 31.49 -36.79
C ALA A 86 19.56 32.70 -37.64
N MET A 87 20.83 33.10 -37.61
CA MET A 87 21.24 34.27 -38.38
C MET A 87 21.07 34.05 -39.88
N GLY A 88 21.15 32.80 -40.33
CA GLY A 88 20.92 32.48 -41.72
C GLY A 88 19.56 31.86 -41.98
N ARG A 89 18.84 31.54 -40.90
CA ARG A 89 17.51 30.95 -41.06
C ARG A 89 16.55 31.91 -41.73
N LEU A 90 16.59 33.18 -41.35
CA LEU A 90 15.79 34.21 -41.99
C LEU A 90 16.51 34.84 -43.18
N LYS A 91 17.69 34.35 -43.53
CA LYS A 91 18.51 34.87 -44.63
C LYS A 91 18.79 36.36 -44.45
N ILE A 92 19.08 36.75 -43.22
CA ILE A 92 19.40 38.14 -42.90
C ILE A 92 20.89 38.35 -43.12
N ASP A 93 21.24 39.17 -44.11
CA ASP A 93 22.64 39.46 -44.38
C ASP A 93 23.22 40.34 -43.29
N PHE A 94 24.50 40.12 -42.98
CA PHE A 94 25.20 40.87 -41.96
C PHE A 94 26.53 41.35 -42.50
N GLY A 95 27.11 42.33 -41.83
CA GLY A 95 28.41 42.86 -42.18
C GLY A 95 29.55 42.00 -41.68
N ASP A 96 29.44 40.68 -41.89
CA ASP A 96 30.43 39.75 -41.38
C ASP A 96 31.74 39.84 -42.17
N SER A 97 31.64 39.88 -43.50
CA SER A 97 32.80 39.86 -44.39
C SER A 97 33.67 38.63 -44.12
N ALA A 98 34.84 38.84 -43.52
CA ALA A 98 35.68 37.71 -43.14
C ALA A 98 35.02 36.87 -42.05
N ARG A 99 34.17 37.50 -41.22
CA ARG A 99 33.44 36.74 -40.20
C ARG A 99 32.47 35.76 -40.82
N ALA A 100 32.04 35.97 -42.06
CA ALA A 100 31.19 34.98 -42.72
C ALA A 100 31.96 33.70 -43.00
N ASP A 101 33.18 33.83 -43.52
CA ASP A 101 34.03 32.66 -43.73
C ASP A 101 34.42 32.03 -42.39
N ASP A 102 34.65 32.86 -41.37
CA ASP A 102 34.92 32.33 -40.04
C ASP A 102 33.74 31.53 -39.51
N ALA A 103 32.52 32.03 -39.72
CA ALA A 103 31.32 31.34 -39.28
C ALA A 103 31.13 30.02 -40.03
N ARG A 104 31.40 30.02 -41.33
CA ARG A 104 31.31 28.76 -42.09
C ARG A 104 32.34 27.75 -41.58
N GLN A 105 33.57 28.19 -41.36
CA GLN A 105 34.62 27.29 -40.89
C GLN A 105 34.29 26.74 -39.52
N LEU A 106 33.76 27.58 -38.62
CA LEU A 106 33.42 27.10 -37.28
C LEU A 106 32.14 26.29 -37.26
N PHE A 107 31.23 26.53 -38.21
CA PHE A 107 30.11 25.61 -38.37
C PHE A 107 30.59 24.23 -38.78
N VAL A 108 31.61 24.18 -39.65
CA VAL A 108 32.24 22.90 -39.97
C VAL A 108 32.89 22.31 -38.73
N LEU A 109 33.61 23.14 -37.97
CA LEU A 109 34.36 22.66 -36.81
C LEU A 109 33.45 22.25 -35.65
N ALA A 110 32.19 22.68 -35.65
CA ALA A 110 31.27 22.40 -34.55
C ALA A 110 31.00 20.92 -34.36
N GLY A 111 31.31 20.09 -35.35
CA GLY A 111 31.12 18.66 -35.23
C GLY A 111 32.15 17.94 -34.40
N ALA A 112 33.11 18.66 -33.81
CA ALA A 112 34.13 18.02 -32.99
C ALA A 112 33.53 17.34 -31.77
N ALA A 113 32.73 18.08 -31.00
CA ALA A 113 31.99 17.56 -29.85
C ALA A 113 32.91 16.86 -28.85
N GLU A 114 34.05 17.49 -28.55
CA GLU A 114 35.00 16.89 -27.61
C GLU A 114 34.50 16.96 -26.18
N GLU A 115 33.70 17.99 -25.86
CA GLU A 115 33.08 18.20 -24.55
C GLU A 115 34.09 18.37 -23.42
N GLY A 116 35.39 18.45 -23.73
CA GLY A 116 36.39 18.66 -22.70
C GLY A 116 36.76 20.12 -22.53
N PHE A 117 37.14 20.77 -23.63
CA PHE A 117 37.54 22.17 -23.60
C PHE A 117 37.50 22.71 -25.03
N MET A 118 37.05 23.95 -25.17
CA MET A 118 36.97 24.57 -26.48
C MET A 118 38.36 24.81 -27.07
N THR A 119 38.42 24.76 -28.39
CA THR A 119 39.63 25.16 -29.09
C THR A 119 39.87 26.65 -28.90
N ALA A 120 41.13 27.03 -28.69
CA ALA A 120 41.48 28.44 -28.59
C ALA A 120 41.11 29.19 -29.85
N GLU A 121 41.28 28.55 -31.02
CA GLU A 121 40.81 29.13 -32.27
C GLU A 121 39.29 29.26 -32.27
N LEU A 122 38.59 28.24 -31.78
CA LEU A 122 37.14 28.30 -31.70
C LEU A 122 36.68 29.43 -30.79
N ALA A 123 37.30 29.55 -29.62
CA ALA A 123 36.95 30.62 -28.69
C ALA A 123 37.25 31.99 -29.29
N GLY A 124 38.38 32.12 -29.98
CA GLY A 124 38.72 33.40 -30.59
C GLY A 124 37.74 33.78 -31.69
N VAL A 125 37.35 32.82 -32.52
CA VAL A 125 36.39 33.12 -33.58
C VAL A 125 35.03 33.48 -33.00
N ILE A 126 34.61 32.75 -31.96
CA ILE A 126 33.34 33.08 -31.30
C ILE A 126 33.40 34.48 -30.72
N LYS A 127 34.53 34.84 -30.10
CA LYS A 127 34.69 36.17 -29.53
C LYS A 127 34.62 37.25 -30.60
N ARG A 128 35.32 37.05 -31.73
CA ARG A 128 35.36 38.10 -32.74
C ARG A 128 34.04 38.21 -33.48
N LEU A 129 33.31 37.11 -33.65
CA LEU A 129 31.98 37.21 -34.26
C LEU A 129 30.98 37.81 -33.29
N TRP A 130 31.19 37.61 -31.99
CA TRP A 130 30.30 38.18 -30.98
C TRP A 130 30.32 39.70 -31.01
N LYS A 131 31.39 40.31 -31.52
CA LYS A 131 31.47 41.76 -31.65
C LYS A 131 30.85 42.28 -32.93
N ASP A 132 30.43 41.39 -33.84
CA ASP A 132 29.80 41.82 -35.08
C ASP A 132 28.45 42.44 -34.81
N SER A 133 28.17 43.56 -35.48
CA SER A 133 26.91 44.28 -35.25
C SER A 133 25.73 43.53 -35.84
N GLY A 134 25.93 42.88 -36.99
CA GLY A 134 24.81 42.20 -37.64
C GLY A 134 24.26 41.04 -36.83
N VAL A 135 25.15 40.18 -36.32
CA VAL A 135 24.68 39.07 -35.51
C VAL A 135 24.16 39.54 -34.16
N GLN A 136 24.73 40.63 -33.62
CA GLN A 136 24.20 41.20 -32.39
C GLN A 136 22.78 41.71 -32.58
N ALA A 137 22.52 42.37 -33.71
CA ALA A 137 21.17 42.81 -34.02
C ALA A 137 20.24 41.63 -34.22
N CYS A 138 20.71 40.60 -34.92
CA CYS A 138 19.89 39.40 -35.14
C CYS A 138 19.59 38.69 -33.83
N PHE A 139 20.48 38.80 -32.85
CA PHE A 139 20.24 38.18 -31.55
C PHE A 139 19.01 38.76 -30.87
N ASN A 140 18.70 40.02 -31.11
CA ASN A 140 17.51 40.66 -30.56
C ASN A 140 16.49 41.01 -31.63
N ARG A 141 16.65 40.51 -32.85
CA ARG A 141 15.78 40.93 -33.94
C ARG A 141 14.44 40.21 -33.89
N SER A 142 14.44 38.88 -34.03
CA SER A 142 13.22 38.10 -34.18
C SER A 142 13.09 37.13 -33.02
N ARG A 143 12.02 37.28 -32.25
CA ARG A 143 11.74 36.37 -31.14
C ARG A 143 10.82 35.24 -31.61
N GLU A 144 11.31 34.53 -32.63
CA GLU A 144 10.56 33.44 -33.25
C GLU A 144 11.20 32.08 -33.02
N TYR A 145 12.50 31.95 -33.32
CA TYR A 145 13.19 30.69 -33.11
C TYR A 145 13.29 30.38 -31.62
N GLN A 146 13.30 29.08 -31.30
CA GLN A 146 13.40 28.66 -29.92
C GLN A 146 14.81 28.85 -29.40
N LEU A 147 15.11 30.05 -28.91
CA LEU A 147 16.43 30.39 -28.38
C LEU A 147 16.40 30.33 -26.86
N ASN A 148 17.42 29.72 -26.27
CA ASN A 148 17.53 29.69 -24.82
C ASN A 148 17.74 31.10 -24.29
N ASP A 149 17.06 31.42 -23.19
CA ASP A 149 17.15 32.73 -22.58
C ASP A 149 18.42 32.91 -21.75
N SER A 150 19.20 31.86 -21.54
CA SER A 150 20.48 31.95 -20.86
C SER A 150 21.63 32.25 -21.81
N ALA A 151 21.36 32.40 -23.10
CA ALA A 151 22.41 32.68 -24.06
C ALA A 151 22.99 34.07 -23.84
N ALA A 152 22.18 35.03 -23.38
CA ALA A 152 22.68 36.36 -23.09
C ALA A 152 23.66 36.35 -21.93
N TYR A 153 23.58 35.36 -21.05
CA TYR A 153 24.51 35.21 -19.94
C TYR A 153 25.74 34.40 -20.33
N TYR A 154 25.54 33.24 -20.95
CA TYR A 154 26.67 32.35 -21.23
C TYR A 154 27.62 32.96 -22.25
N LEU A 155 27.09 33.64 -23.26
CA LEU A 155 27.92 34.20 -24.32
C LEU A 155 28.48 35.57 -23.96
N ASN A 156 28.13 36.11 -22.80
CA ASN A 156 28.67 37.38 -22.33
C ASN A 156 29.82 37.20 -21.34
N ASP A 157 30.26 35.96 -21.11
CA ASP A 157 31.36 35.69 -20.20
C ASP A 157 32.35 34.70 -20.82
N LEU A 158 32.51 34.76 -22.14
CA LEU A 158 33.41 33.83 -22.82
C LEU A 158 34.87 34.04 -22.44
N ASP A 159 35.22 35.23 -21.93
CA ASP A 159 36.59 35.51 -21.53
C ASP A 159 37.00 34.77 -20.26
N ARG A 160 36.06 34.12 -19.58
CA ARG A 160 36.35 33.33 -18.39
C ARG A 160 35.99 31.85 -18.54
N ILE A 161 34.83 31.57 -19.12
CA ILE A 161 34.36 30.19 -19.19
C ILE A 161 35.18 29.36 -20.17
N ALA A 162 35.68 29.98 -21.24
CA ALA A 162 36.35 29.24 -22.30
C ALA A 162 37.78 28.83 -21.93
N GLN A 163 38.35 29.39 -20.88
CA GLN A 163 39.71 29.06 -20.49
C GLN A 163 39.77 27.63 -19.95
N PRO A 164 40.89 26.94 -20.17
CA PRO A 164 41.02 25.57 -19.61
C PRO A 164 40.96 25.53 -18.10
N ASN A 165 41.43 26.57 -17.42
CA ASN A 165 41.39 26.64 -15.96
C ASN A 165 40.09 27.28 -15.48
N TYR A 166 38.96 26.78 -15.96
CA TYR A 166 37.65 27.31 -15.62
C TYR A 166 36.86 26.30 -14.80
N ILE A 167 36.17 26.80 -13.79
CA ILE A 167 35.26 25.98 -12.99
C ILE A 167 33.94 26.72 -12.88
N PRO A 168 32.80 26.04 -12.99
CA PRO A 168 31.51 26.70 -12.80
C PRO A 168 31.33 27.19 -11.37
N THR A 169 30.31 28.02 -11.18
CA THR A 169 29.95 28.53 -9.86
C THR A 169 28.47 28.29 -9.59
N GLN A 170 27.96 28.86 -8.49
CA GLN A 170 26.54 28.71 -8.17
C GLN A 170 25.67 29.34 -9.24
N GLN A 171 26.03 30.54 -9.71
CA GLN A 171 25.26 31.17 -10.77
C GLN A 171 25.33 30.36 -12.05
N ASP A 172 26.50 29.80 -12.35
CA ASP A 172 26.65 29.00 -13.56
C ASP A 172 25.82 27.73 -13.50
N VAL A 173 25.78 27.06 -12.35
CA VAL A 173 25.02 25.83 -12.25
C VAL A 173 23.53 26.11 -12.15
N LEU A 174 23.13 27.28 -11.68
CA LEU A 174 21.71 27.59 -11.58
C LEU A 174 21.06 27.73 -12.96
N ARG A 175 21.74 28.41 -13.88
CA ARG A 175 21.19 28.64 -15.22
C ARG A 175 21.70 27.55 -16.17
N THR A 176 21.27 26.32 -15.89
CA THR A 176 21.67 25.15 -16.68
C THR A 176 20.45 24.30 -16.93
N ARG A 177 20.04 24.19 -18.19
CA ARG A 177 18.83 23.47 -18.55
C ARG A 177 19.17 22.05 -19.02
N VAL A 178 18.35 21.11 -18.60
CA VAL A 178 18.49 19.71 -19.01
C VAL A 178 17.12 19.05 -18.91
N LYS A 179 16.82 18.16 -19.86
CA LYS A 179 15.54 17.46 -19.91
C LYS A 179 15.79 16.00 -19.53
N THR A 180 15.40 15.63 -18.31
CA THR A 180 15.61 14.30 -17.78
C THR A 180 14.28 13.60 -17.62
N THR A 181 14.16 12.41 -18.21
CA THR A 181 12.93 11.63 -18.10
C THR A 181 12.77 11.07 -16.69
N GLY A 182 11.54 11.04 -16.22
CA GLY A 182 11.21 10.46 -14.93
C GLY A 182 10.86 11.52 -13.90
N ILE A 183 10.32 11.03 -12.79
CA ILE A 183 9.91 11.90 -11.69
C ILE A 183 11.14 12.29 -10.87
N VAL A 184 11.16 13.54 -10.42
CA VAL A 184 12.23 14.05 -9.57
C VAL A 184 11.61 14.47 -8.25
N GLU A 185 12.18 13.98 -7.15
CA GLU A 185 11.70 14.31 -5.82
C GLU A 185 12.86 14.78 -4.96
N THR A 186 12.53 15.61 -3.97
CA THR A 186 13.54 16.15 -3.07
C THR A 186 12.87 16.43 -1.73
N HIS A 187 13.46 15.91 -0.66
CA HIS A 187 12.92 16.07 0.68
C HIS A 187 13.94 16.77 1.57
N PHE A 188 13.45 17.61 2.47
CA PHE A 188 14.31 18.43 3.32
C PHE A 188 13.54 18.78 4.58
N THR A 189 14.27 19.27 5.58
CA THR A 189 13.72 19.63 6.88
C THR A 189 13.70 21.14 7.02
N PHE A 190 12.54 21.70 7.36
CA PHE A 190 12.39 23.14 7.48
C PHE A 190 11.25 23.44 8.43
N LYS A 191 11.43 24.48 9.25
CA LYS A 191 10.43 24.93 10.22
C LYS A 191 10.02 23.79 11.16
N ASP A 192 11.00 22.98 11.55
CA ASP A 192 10.78 21.80 12.39
C ASP A 192 9.74 20.87 11.77
N LEU A 193 9.81 20.70 10.45
CA LEU A 193 8.86 19.86 9.75
C LEU A 193 9.51 19.36 8.46
N HIS A 194 9.03 18.21 7.99
CA HIS A 194 9.58 17.56 6.81
C HIS A 194 8.77 17.93 5.58
N PHE A 195 9.44 18.38 4.53
CA PHE A 195 8.82 18.72 3.27
C PHE A 195 9.25 17.73 2.20
N LYS A 196 8.30 17.35 1.34
CA LYS A 196 8.59 16.56 0.16
C LYS A 196 7.94 17.23 -1.04
N MET A 197 8.73 17.50 -2.07
CA MET A 197 8.22 18.13 -3.27
C MET A 197 8.64 17.32 -4.48
N PHE A 198 7.74 17.21 -5.45
CA PHE A 198 7.98 16.44 -6.66
C PHE A 198 8.08 17.37 -7.87
N ASP A 199 8.42 16.77 -9.01
CA ASP A 199 8.52 17.52 -10.26
C ASP A 199 8.22 16.53 -11.39
N VAL A 200 6.98 16.52 -11.85
CA VAL A 200 6.57 15.57 -12.90
C VAL A 200 6.90 16.22 -14.24
N GLY A 201 8.15 16.04 -14.64
CA GLY A 201 8.61 16.49 -15.94
C GLY A 201 9.19 15.32 -16.71
N GLY A 202 9.05 15.37 -18.03
CA GLY A 202 9.52 14.30 -18.88
C GLY A 202 8.52 13.17 -19.07
N GLN A 203 7.38 13.20 -18.38
CA GLN A 203 6.33 12.21 -18.58
C GLN A 203 5.57 12.56 -19.85
N ARG A 204 6.20 12.27 -20.98
CA ARG A 204 5.63 12.59 -22.29
C ARG A 204 4.60 11.52 -22.63
N SER A 205 3.41 11.68 -22.05
CA SER A 205 2.31 10.75 -22.26
C SER A 205 1.01 11.49 -21.94
N GLU A 206 -0.09 10.75 -21.88
CA GLU A 206 -1.38 11.34 -21.55
C GLU A 206 -1.44 11.63 -20.06
N ARG A 207 -1.66 12.89 -19.71
CA ARG A 207 -1.59 13.30 -18.31
C ARG A 207 -2.80 12.81 -17.52
N LYS A 208 -3.94 12.63 -18.17
CA LYS A 208 -5.15 12.25 -17.44
C LYS A 208 -5.14 10.79 -17.02
N LYS A 209 -4.18 10.00 -17.48
CA LYS A 209 -4.13 8.59 -17.12
C LYS A 209 -3.41 8.33 -15.80
N TRP A 210 -2.71 9.32 -15.25
CA TRP A 210 -2.00 9.13 -13.99
C TRP A 210 -2.12 10.31 -13.03
N ILE A 211 -2.90 11.34 -13.37
CA ILE A 211 -3.00 12.50 -12.49
C ILE A 211 -3.72 12.15 -11.20
N HIS A 212 -4.56 11.13 -11.19
CA HIS A 212 -5.29 10.75 -9.99
C HIS A 212 -4.41 10.12 -8.92
N CYS A 213 -3.15 9.80 -9.24
CA CYS A 213 -2.24 9.30 -8.22
C CYS A 213 -1.89 10.35 -7.18
N PHE A 214 -2.04 11.63 -7.51
CA PHE A 214 -1.70 12.71 -6.61
C PHE A 214 -2.94 13.34 -5.97
N GLU A 215 -3.98 12.55 -5.73
CA GLU A 215 -5.17 13.07 -5.07
C GLU A 215 -4.87 13.43 -3.62
N GLY A 216 -5.35 14.59 -3.19
CA GLY A 216 -5.18 15.01 -1.82
C GLY A 216 -3.76 15.33 -1.39
N VAL A 217 -3.00 16.03 -2.25
CA VAL A 217 -1.72 16.55 -1.83
C VAL A 217 -1.92 17.83 -1.03
N THR A 218 -0.91 18.19 -0.24
CA THR A 218 -1.06 19.33 0.66
C THR A 218 -1.18 20.65 -0.10
N ALA A 219 -0.38 20.83 -1.15
CA ALA A 219 -0.45 22.04 -1.94
C ALA A 219 0.02 21.76 -3.36
N ILE A 220 -0.37 22.65 -4.27
CA ILE A 220 0.03 22.57 -5.67
C ILE A 220 0.62 23.93 -6.05
N ILE A 221 1.81 23.92 -6.62
CA ILE A 221 2.49 25.14 -7.04
C ILE A 221 2.50 25.16 -8.56
N PHE A 222 1.95 26.23 -9.14
CA PHE A 222 1.88 26.41 -10.57
C PHE A 222 2.90 27.47 -10.98
N CYS A 223 3.72 27.15 -11.97
CA CYS A 223 4.77 28.05 -12.44
C CYS A 223 4.41 28.55 -13.84
N VAL A 224 4.19 29.85 -13.96
CA VAL A 224 3.83 30.49 -15.22
C VAL A 224 4.85 31.57 -15.51
N ALA A 225 5.47 31.50 -16.69
CA ALA A 225 6.43 32.51 -17.07
C ALA A 225 5.71 33.76 -17.59
N LEU A 226 6.41 34.89 -17.56
CA LEU A 226 5.88 36.14 -18.07
C LEU A 226 6.63 36.69 -19.27
N SER A 227 7.92 36.40 -19.39
CA SER A 227 8.71 36.93 -20.50
C SER A 227 8.34 36.31 -21.84
N ASP A 228 7.50 35.27 -21.84
CA ASP A 228 7.12 34.55 -23.06
C ASP A 228 5.74 34.97 -23.55
N TYR A 229 5.39 36.25 -23.41
CA TYR A 229 4.08 36.70 -23.85
C TYR A 229 4.01 36.99 -25.34
N ASP A 230 5.13 36.93 -26.05
CA ASP A 230 5.11 37.04 -27.51
C ASP A 230 6.07 36.02 -28.13
N LEU A 231 6.04 34.80 -27.63
CA LEU A 231 6.85 33.71 -28.17
C LEU A 231 5.92 32.62 -28.70
N VAL A 232 6.18 32.18 -29.93
CA VAL A 232 5.36 31.16 -30.56
C VAL A 232 5.92 29.78 -30.27
N ASN A 240 -0.60 32.83 -28.38
CA ASN A 240 0.76 32.32 -28.28
C ASN A 240 0.86 31.28 -27.17
N ARG A 241 2.01 31.27 -26.48
CA ARG A 241 2.23 30.27 -25.44
C ARG A 241 1.44 30.57 -24.18
N MET A 242 1.19 31.86 -23.90
CA MET A 242 0.41 32.22 -22.72
C MET A 242 -1.01 31.68 -22.80
N HIS A 243 -1.58 31.68 -24.01
CA HIS A 243 -2.91 31.11 -24.18
C HIS A 243 -2.92 29.62 -23.84
N GLU A 244 -1.86 28.90 -24.25
CA GLU A 244 -1.77 27.49 -23.90
C GLU A 244 -1.58 27.32 -22.39
N SER A 245 -0.83 28.21 -21.76
CA SER A 245 -0.69 28.16 -20.30
C SER A 245 -2.04 28.31 -19.62
N MET A 246 -2.87 29.23 -20.11
CA MET A 246 -4.20 29.39 -19.54
C MET A 246 -5.07 28.17 -19.83
N LYS A 247 -4.92 27.60 -21.03
CA LYS A 247 -5.70 26.41 -21.40
C LYS A 247 -5.26 25.17 -20.62
N LEU A 248 -4.10 25.22 -19.98
CA LEU A 248 -3.73 24.20 -19.02
C LEU A 248 -4.21 24.55 -17.61
N PHE A 249 -4.16 25.83 -17.26
CA PHE A 249 -4.55 26.27 -15.92
C PHE A 249 -6.03 26.01 -15.66
N ASP A 250 -6.88 26.26 -16.65
CA ASP A 250 -8.31 26.04 -16.43
C ASP A 250 -8.63 24.56 -16.26
N SER A 251 -7.83 23.68 -16.87
CA SER A 251 -8.02 22.25 -16.66
C SER A 251 -7.51 21.81 -15.30
N ILE A 252 -6.39 22.36 -14.84
CA ILE A 252 -5.85 21.97 -13.55
C ILE A 252 -6.72 22.48 -12.42
N CYS A 253 -7.17 23.73 -12.51
CA CYS A 253 -7.88 24.36 -11.39
C CYS A 253 -9.29 23.79 -11.23
N ASN A 254 -9.96 23.48 -12.34
CA ASN A 254 -11.33 23.00 -12.31
C ASN A 254 -11.42 21.49 -12.16
N ASN A 255 -10.33 20.85 -11.74
CA ASN A 255 -10.32 19.40 -11.61
C ASN A 255 -11.23 18.95 -10.47
N LYS A 256 -11.86 17.80 -10.67
CA LYS A 256 -12.70 17.21 -9.62
C LYS A 256 -11.90 16.49 -8.55
N TRP A 257 -10.59 16.32 -8.76
CA TRP A 257 -9.74 15.69 -7.75
C TRP A 257 -9.13 16.71 -6.80
N PHE A 258 -8.73 17.86 -7.31
CA PHE A 258 -8.12 18.90 -6.48
C PHE A 258 -9.17 19.92 -6.04
N THR A 259 -10.22 19.40 -5.38
CA THR A 259 -11.25 20.29 -4.86
C THR A 259 -10.78 21.02 -3.62
N ASP A 260 -10.10 20.32 -2.72
CA ASP A 260 -9.59 20.90 -1.48
C ASP A 260 -8.08 20.84 -1.51
N THR A 261 -7.46 21.86 -2.11
CA THR A 261 -6.01 21.98 -2.13
C THR A 261 -5.68 23.42 -2.54
N SER A 262 -4.90 24.11 -1.71
CA SER A 262 -4.57 25.49 -2.00
C SER A 262 -3.65 25.58 -3.21
N ILE A 263 -4.00 26.45 -4.15
CA ILE A 263 -3.25 26.62 -5.38
C ILE A 263 -2.43 27.90 -5.27
N ILE A 264 -1.14 27.81 -5.55
CA ILE A 264 -0.24 28.96 -5.47
C ILE A 264 0.36 29.19 -6.85
N LEU A 265 0.43 30.46 -7.25
CA LEU A 265 1.00 30.86 -8.53
C LEU A 265 2.38 31.46 -8.32
N PHE A 266 3.33 31.08 -9.18
CA PHE A 266 4.62 31.72 -9.26
C PHE A 266 4.74 32.35 -10.65
N LEU A 267 5.16 33.61 -10.70
CA LEU A 267 5.36 34.31 -11.96
C LEU A 267 6.85 34.59 -12.12
N ASN A 268 7.55 33.66 -12.76
CA ASN A 268 9.00 33.77 -12.89
C ASN A 268 9.36 34.82 -13.94
N LYS A 269 10.66 35.01 -14.13
CA LYS A 269 11.22 35.85 -15.19
C LYS A 269 10.69 37.29 -15.12
N LYS A 270 10.49 37.79 -13.91
CA LYS A 270 9.95 39.14 -13.77
C LYS A 270 10.95 40.20 -14.23
N ASP A 271 12.25 39.96 -14.02
CA ASP A 271 13.25 40.91 -14.49
C ASP A 271 13.30 40.96 -16.01
N LEU A 272 13.19 39.80 -16.67
CA LEU A 272 13.13 39.79 -18.13
C LEU A 272 11.90 40.51 -18.64
N PHE A 273 10.75 40.32 -17.97
CA PHE A 273 9.55 41.05 -18.33
C PHE A 273 9.75 42.55 -18.18
N GLU A 274 10.39 42.96 -17.09
CA GLU A 274 10.65 44.38 -16.87
C GLU A 274 11.55 44.94 -17.97
N GLU A 275 12.54 44.17 -18.40
CA GLU A 275 13.44 44.63 -19.44
C GLU A 275 12.74 44.74 -20.78
N LYS A 276 11.95 43.73 -21.16
CA LYS A 276 11.39 43.67 -22.49
C LYS A 276 10.04 44.38 -22.63
N ILE A 277 9.44 44.84 -21.53
CA ILE A 277 8.12 45.47 -21.62
C ILE A 277 8.19 46.83 -22.30
N LYS A 278 9.38 47.44 -22.39
CA LYS A 278 9.53 48.76 -22.98
C LYS A 278 9.70 48.72 -24.49
N LYS A 279 9.67 47.54 -25.10
CA LYS A 279 9.86 47.40 -26.54
C LYS A 279 8.61 46.93 -27.25
N SER A 280 8.04 45.79 -26.84
CA SER A 280 6.87 45.22 -27.50
C SER A 280 5.66 45.37 -26.60
N PRO A 281 4.59 46.01 -27.07
CA PRO A 281 3.43 46.24 -26.21
C PRO A 281 2.67 44.95 -25.89
N LEU A 282 1.93 44.99 -24.80
CA LEU A 282 1.16 43.84 -24.33
C LEU A 282 0.00 43.49 -25.25
N THR A 283 -0.35 44.35 -26.19
CA THR A 283 -1.51 44.10 -27.06
C THR A 283 -1.30 42.90 -27.98
N ILE A 284 -0.07 42.45 -28.15
CA ILE A 284 0.19 41.30 -29.02
C ILE A 284 -0.44 40.04 -28.44
N CYS A 285 -0.27 39.82 -27.13
CA CYS A 285 -0.86 38.64 -26.51
C CYS A 285 -2.35 38.83 -26.22
N TYR A 286 -2.69 39.91 -25.51
CA TYR A 286 -4.08 40.22 -25.22
C TYR A 286 -4.50 41.42 -26.07
N PRO A 287 -5.28 41.24 -27.13
CA PRO A 287 -5.73 42.39 -27.92
C PRO A 287 -6.68 43.31 -27.17
N GLU A 288 -7.33 42.82 -26.11
CA GLU A 288 -8.33 43.61 -25.38
C GLU A 288 -7.70 44.63 -24.44
N TYR A 289 -6.41 44.53 -24.16
CA TYR A 289 -5.77 45.47 -23.24
C TYR A 289 -5.73 46.87 -23.84
N ALA A 290 -5.92 47.87 -22.99
CA ALA A 290 -5.94 49.26 -23.44
C ALA A 290 -5.18 50.22 -22.54
N GLY A 291 -4.50 49.74 -21.50
CA GLY A 291 -3.75 50.61 -20.62
C GLY A 291 -2.40 50.98 -21.20
N SER A 292 -1.65 51.75 -20.41
CA SER A 292 -0.34 52.21 -20.83
C SER A 292 0.70 51.10 -20.69
N ASN A 293 1.83 51.30 -21.36
CA ASN A 293 2.92 50.33 -21.33
C ASN A 293 3.81 50.60 -20.10
N THR A 294 3.26 50.25 -18.94
CA THR A 294 3.98 50.35 -17.68
C THR A 294 3.95 49.00 -16.99
N TYR A 295 4.91 48.81 -16.08
CA TYR A 295 5.18 47.48 -15.54
C TYR A 295 4.07 47.01 -14.62
N GLU A 296 3.78 47.78 -13.56
CA GLU A 296 2.89 47.28 -12.52
C GLU A 296 1.46 47.14 -13.00
N GLU A 297 1.01 48.02 -13.89
CA GLU A 297 -0.34 47.89 -14.43
C GLU A 297 -0.43 46.66 -15.33
N ALA A 298 0.61 46.38 -16.12
CA ALA A 298 0.61 45.19 -16.95
C ALA A 298 0.60 43.92 -16.10
N ALA A 299 1.38 43.93 -15.01
CA ALA A 299 1.37 42.77 -14.11
C ALA A 299 0.01 42.57 -13.47
N ALA A 300 -0.63 43.66 -13.04
CA ALA A 300 -1.96 43.55 -12.47
C ALA A 300 -2.97 43.05 -13.49
N TYR A 301 -2.82 43.49 -14.74
CA TYR A 301 -3.70 43.00 -15.82
C TYR A 301 -3.50 41.51 -16.04
N ILE A 302 -2.25 41.05 -16.04
CA ILE A 302 -1.99 39.62 -16.18
C ILE A 302 -2.64 38.86 -15.05
N GLN A 303 -2.52 39.39 -13.82
CA GLN A 303 -3.13 38.74 -12.67
C GLN A 303 -4.65 38.68 -12.82
N CYS A 304 -5.26 39.78 -13.28
CA CYS A 304 -6.72 39.85 -13.35
C CYS A 304 -7.28 38.89 -14.39
N GLN A 305 -6.74 38.92 -15.62
CA GLN A 305 -7.20 37.99 -16.63
C GLN A 305 -6.66 36.58 -16.45
N PHE A 306 -5.77 36.35 -15.50
CA PHE A 306 -5.32 34.99 -15.21
C PHE A 306 -6.03 34.37 -14.03
N GLU A 307 -6.71 35.17 -13.20
CA GLU A 307 -7.45 34.65 -12.07
C GLU A 307 -8.88 34.27 -12.40
N ASP A 308 -9.48 34.88 -13.42
CA ASP A 308 -10.90 34.71 -13.72
C ASP A 308 -11.24 33.35 -14.33
N LEU A 309 -10.32 32.39 -14.37
CA LEU A 309 -10.60 31.06 -14.89
C LEU A 309 -11.01 30.09 -13.79
N ASN A 310 -11.17 30.57 -12.56
CA ASN A 310 -11.48 29.74 -11.41
C ASN A 310 -12.98 29.84 -11.11
N LYS A 311 -13.69 28.73 -11.20
CA LYS A 311 -15.07 28.68 -10.78
C LYS A 311 -15.17 28.48 -9.27
N ARG A 312 -16.23 29.02 -8.68
CA ARG A 312 -16.48 28.97 -7.24
C ARG A 312 -15.30 29.57 -6.47
N LYS A 313 -15.07 30.86 -6.70
CA LYS A 313 -13.98 31.55 -6.02
C LYS A 313 -14.24 31.72 -4.53
N ASP A 314 -15.47 31.53 -4.07
CA ASP A 314 -15.75 31.58 -2.64
C ASP A 314 -15.11 30.40 -1.91
N THR A 315 -15.09 29.23 -2.53
CA THR A 315 -14.56 28.04 -1.87
C THR A 315 -13.03 28.09 -1.77
N LYS A 316 -12.35 28.47 -2.85
CA LYS A 316 -10.90 28.48 -2.87
C LYS A 316 -10.40 29.78 -3.49
N GLU A 317 -9.19 30.16 -3.11
CA GLU A 317 -8.54 31.35 -3.64
C GLU A 317 -7.08 31.03 -3.90
N ILE A 318 -6.56 31.54 -5.02
CA ILE A 318 -5.19 31.25 -5.43
C ILE A 318 -4.27 32.34 -4.90
N TYR A 319 -3.03 31.97 -4.65
CA TYR A 319 -2.06 32.83 -3.98
C TYR A 319 -0.95 33.14 -4.96
N THR A 320 -0.63 34.42 -5.14
CA THR A 320 0.27 34.83 -6.21
C THR A 320 1.48 35.56 -5.66
N HIS A 321 2.62 35.39 -6.34
CA HIS A 321 3.85 36.06 -5.98
C HIS A 321 4.63 36.36 -7.25
N PHE A 322 5.52 37.35 -7.16
CA PHE A 322 6.38 37.75 -8.28
C PHE A 322 7.82 37.42 -7.90
N THR A 323 8.28 36.24 -8.31
CA THR A 323 9.61 35.77 -7.97
C THR A 323 10.54 35.87 -9.17
N CYS A 324 11.84 35.74 -8.90
CA CYS A 324 12.88 35.67 -9.93
C CYS A 324 13.77 34.51 -9.53
N ALA A 325 13.44 33.31 -10.01
CA ALA A 325 14.00 32.09 -9.47
C ALA A 325 15.52 31.98 -9.67
N THR A 326 16.08 32.70 -10.64
CA THR A 326 17.54 32.73 -10.77
C THR A 326 18.17 33.39 -9.55
N ASP A 327 17.60 34.49 -9.08
CA ASP A 327 18.09 35.16 -7.89
C ASP A 327 17.80 34.31 -6.66
N THR A 328 18.85 33.95 -5.93
CA THR A 328 18.70 33.08 -4.77
C THR A 328 18.12 33.80 -3.56
N LYS A 329 18.18 35.13 -3.53
CA LYS A 329 17.68 35.87 -2.38
C LYS A 329 16.15 35.85 -2.34
N ASN A 330 15.51 36.10 -3.49
CA ASN A 330 14.07 36.31 -3.52
C ASN A 330 13.26 35.03 -3.49
N VAL A 331 13.90 33.86 -3.53
CA VAL A 331 13.14 32.64 -3.38
C VAL A 331 12.93 32.31 -1.91
N GLN A 332 13.88 32.66 -1.05
CA GLN A 332 13.79 32.31 0.37
C GLN A 332 12.62 33.02 1.03
N PHE A 333 12.48 34.32 0.80
CA PHE A 333 11.41 35.09 1.42
C PHE A 333 10.04 34.64 0.93
N VAL A 334 9.93 34.36 -0.38
CA VAL A 334 8.67 33.88 -0.94
C VAL A 334 8.30 32.52 -0.36
N PHE A 335 9.29 31.63 -0.24
CA PHE A 335 9.00 30.33 0.36
C PHE A 335 8.64 30.46 1.83
N ASP A 336 9.25 31.40 2.55
CA ASP A 336 8.84 31.66 3.92
C ASP A 336 7.38 32.08 3.98
N ALA A 337 6.97 32.98 3.09
CA ALA A 337 5.58 33.42 3.08
C ALA A 337 4.64 32.27 2.77
N VAL A 338 4.98 31.44 1.78
CA VAL A 338 4.07 30.38 1.39
C VAL A 338 4.01 29.29 2.46
N THR A 339 5.12 29.01 3.14
CA THR A 339 5.05 28.02 4.21
C THR A 339 4.31 28.59 5.42
N ASP A 340 4.39 29.89 5.64
CA ASP A 340 3.59 30.53 6.70
C ASP A 340 2.11 30.37 6.41
N VAL A 341 1.70 30.65 5.16
CA VAL A 341 0.27 30.57 4.86
C VAL A 341 -0.22 29.13 4.85
N ILE A 342 0.63 28.18 4.45
CA ILE A 342 0.17 26.79 4.45
C ILE A 342 0.12 26.24 5.88
N ILE A 343 0.97 26.75 6.78
CA ILE A 343 0.85 26.36 8.18
C ILE A 343 -0.41 26.95 8.79
N LYS A 344 -0.68 28.23 8.50
CA LYS A 344 -1.87 28.88 9.03
C LYS A 344 -3.15 28.25 8.49
N ASN A 345 -3.12 27.74 7.26
CA ASN A 345 -4.30 27.09 6.68
C ASN A 345 -4.43 25.63 7.08
N ASN A 346 -3.50 25.11 7.88
CA ASN A 346 -3.54 23.70 8.27
C ASN A 346 -3.53 23.57 9.79
N LEU A 347 -4.37 24.36 10.47
CA LEU A 347 -4.46 24.32 11.93
C LEU A 347 -5.38 23.16 12.32
N LYS A 348 -4.78 22.02 12.64
CA LYS A 348 -5.54 20.84 13.03
C LYS A 348 -4.72 19.94 13.95
N GLU B 8 3.76 7.96 -54.30
CA GLU B 8 3.82 9.16 -53.48
C GLU B 8 3.01 8.88 -52.21
N LEU B 9 2.85 9.87 -51.35
CA LEU B 9 2.14 9.68 -50.09
C LEU B 9 0.66 9.41 -50.34
N ASP B 10 0.05 10.15 -51.27
CA ASP B 10 -1.37 10.03 -51.52
C ASP B 10 -1.71 8.65 -52.08
N GLN B 11 -0.86 8.13 -52.97
CA GLN B 11 -1.09 6.79 -53.49
C GLN B 11 -0.99 5.75 -52.38
N LEU B 12 -0.16 6.02 -51.38
CA LEU B 12 -0.03 5.10 -50.25
C LEU B 12 -1.27 5.19 -49.36
N ARG B 13 -1.85 6.38 -49.23
CA ARG B 13 -3.10 6.51 -48.48
C ARG B 13 -4.25 5.77 -49.18
N GLN B 14 -4.33 5.87 -50.51
CA GLN B 14 -5.34 5.07 -51.21
C GLN B 14 -5.07 3.58 -51.09
N GLU B 15 -3.80 3.18 -51.11
CA GLU B 15 -3.49 1.76 -50.95
C GLU B 15 -3.89 1.26 -49.58
N ALA B 16 -3.65 2.07 -48.54
CA ALA B 16 -4.07 1.68 -47.20
C ALA B 16 -5.59 1.66 -47.06
N GLU B 17 -6.29 2.56 -47.76
CA GLU B 17 -7.75 2.53 -47.71
C GLU B 17 -8.31 1.30 -48.43
N GLN B 18 -7.75 0.94 -49.58
CA GLN B 18 -8.21 -0.26 -50.27
C GLN B 18 -7.89 -1.51 -49.45
N LEU B 19 -6.73 -1.54 -48.76
CA LEU B 19 -6.42 -2.68 -47.93
C LEU B 19 -7.36 -2.77 -46.73
N LYS B 20 -7.75 -1.62 -46.16
CA LYS B 20 -8.72 -1.64 -45.07
C LYS B 20 -10.07 -2.15 -45.57
N ASN B 21 -10.48 -1.73 -46.76
CA ASN B 21 -11.74 -2.21 -47.30
C ASN B 21 -11.68 -3.71 -47.58
N GLN B 22 -10.55 -4.20 -48.11
CA GLN B 22 -10.40 -5.62 -48.38
C GLN B 22 -10.44 -6.45 -47.10
N ILE B 23 -9.73 -6.02 -46.05
CA ILE B 23 -9.75 -6.78 -44.81
C ILE B 23 -11.15 -6.77 -44.20
N ARG B 24 -11.83 -5.61 -44.23
CA ARG B 24 -13.16 -5.54 -43.65
C ARG B 24 -14.13 -6.43 -44.41
N ASP B 25 -14.01 -6.45 -45.73
CA ASP B 25 -14.92 -7.27 -46.54
C ASP B 25 -14.64 -8.75 -46.34
N ALA B 26 -13.36 -9.13 -46.20
CA ALA B 26 -13.05 -10.54 -45.98
C ALA B 26 -13.50 -11.00 -44.60
N ARG B 27 -13.44 -10.13 -43.59
CA ARG B 27 -14.01 -10.49 -42.30
C ARG B 27 -15.54 -10.59 -42.36
N LYS B 28 -16.19 -9.65 -43.05
CA LYS B 28 -17.64 -9.65 -43.08
C LYS B 28 -18.20 -10.81 -43.90
N ALA B 29 -17.43 -11.29 -44.88
CA ALA B 29 -17.91 -12.32 -45.79
C ALA B 29 -18.00 -13.69 -45.14
N CYS B 30 -17.46 -13.85 -43.93
CA CYS B 30 -17.45 -15.12 -43.23
C CYS B 30 -18.12 -15.02 -41.86
N ALA B 31 -19.24 -14.30 -41.82
CA ALA B 31 -20.00 -14.04 -40.60
C ALA B 31 -21.46 -14.43 -40.79
N ASP B 32 -21.71 -15.64 -41.28
CA ASP B 32 -23.07 -16.03 -41.64
C ASP B 32 -24.01 -16.06 -40.44
N ALA B 33 -23.54 -16.59 -39.31
CA ALA B 33 -24.41 -16.75 -38.14
C ALA B 33 -23.75 -16.13 -36.91
N THR B 34 -24.59 -15.76 -35.95
CA THR B 34 -24.13 -15.13 -34.73
C THR B 34 -23.97 -16.17 -33.63
N LEU B 35 -23.15 -15.82 -32.63
CA LEU B 35 -23.02 -16.68 -31.46
C LEU B 35 -24.31 -16.79 -30.67
N SER B 36 -25.12 -15.73 -30.62
CA SER B 36 -26.35 -15.78 -29.84
C SER B 36 -27.36 -16.76 -30.42
N GLN B 37 -27.54 -16.77 -31.74
CA GLN B 37 -28.49 -17.70 -32.35
C GLN B 37 -28.07 -19.16 -32.16
N ILE B 38 -26.78 -19.45 -32.24
CA ILE B 38 -26.32 -20.83 -32.03
C ILE B 38 -26.51 -21.26 -30.59
N THR B 39 -26.18 -20.42 -29.61
CA THR B 39 -26.28 -20.79 -28.19
C THR B 39 -27.58 -20.33 -27.56
N ASN B 40 -28.67 -20.27 -28.33
CA ASN B 40 -29.96 -19.88 -27.78
C ASN B 40 -30.62 -21.00 -27.01
N ASN B 41 -30.25 -22.25 -27.28
CA ASN B 41 -30.88 -23.40 -26.66
C ASN B 41 -30.17 -23.89 -25.40
N ILE B 42 -29.09 -23.23 -24.99
CA ILE B 42 -28.39 -23.66 -23.78
C ILE B 42 -29.21 -23.28 -22.56
N ASP B 43 -29.19 -24.13 -21.54
CA ASP B 43 -29.86 -23.81 -20.30
C ASP B 43 -29.09 -22.70 -19.58
N PRO B 44 -29.79 -21.79 -18.91
CA PRO B 44 -29.09 -20.73 -18.18
C PRO B 44 -28.41 -21.25 -16.93
N VAL B 45 -27.42 -20.48 -16.48
CA VAL B 45 -26.67 -20.86 -15.28
C VAL B 45 -27.55 -20.75 -14.04
N GLY B 46 -28.44 -19.76 -14.00
CA GLY B 46 -29.28 -19.53 -12.83
C GLY B 46 -28.86 -18.30 -12.06
N ARG B 47 -28.73 -18.43 -10.74
CA ARG B 47 -28.34 -17.32 -9.89
C ARG B 47 -27.06 -17.68 -9.16
N ILE B 48 -26.08 -16.78 -9.20
CA ILE B 48 -24.79 -16.97 -8.55
C ILE B 48 -24.69 -16.05 -7.35
N GLN B 49 -24.62 -16.63 -6.15
CA GLN B 49 -24.55 -15.89 -4.90
C GLN B 49 -23.24 -16.18 -4.20
N MET B 50 -22.34 -15.19 -4.14
CA MET B 50 -21.05 -15.33 -3.51
C MET B 50 -20.99 -14.47 -2.26
N ARG B 51 -20.56 -15.07 -1.16
CA ARG B 51 -20.39 -14.39 0.12
C ARG B 51 -18.93 -13.99 0.31
N THR B 52 -18.70 -13.16 1.32
CA THR B 52 -17.35 -12.73 1.65
C THR B 52 -16.73 -13.65 2.70
N ARG B 53 -15.53 -14.15 2.40
CA ARG B 53 -14.81 -15.08 3.26
C ARG B 53 -13.71 -14.44 4.08
N ARG B 54 -12.99 -13.45 3.52
CA ARG B 54 -11.88 -12.82 4.23
C ARG B 54 -12.00 -11.32 4.03
N THR B 55 -11.43 -10.55 4.97
CA THR B 55 -11.35 -9.09 4.86
C THR B 55 -9.97 -8.54 5.21
N LEU B 56 -8.93 -9.06 4.55
CA LEU B 56 -7.54 -8.68 4.84
C LEU B 56 -7.40 -7.16 4.89
N ARG B 57 -6.93 -6.64 6.03
CA ARG B 57 -6.85 -5.18 6.24
C ARG B 57 -5.50 -4.74 6.81
N GLY B 58 -4.54 -4.47 5.93
CA GLY B 58 -3.22 -4.13 6.40
C GLY B 58 -2.55 -3.00 5.63
N HIS B 59 -3.15 -2.59 4.52
CA HIS B 59 -2.73 -1.43 3.76
C HIS B 59 -3.33 -0.13 4.28
N LEU B 60 -2.60 0.96 4.08
CA LEU B 60 -2.97 2.28 4.61
C LEU B 60 -3.16 3.30 3.49
N ALA B 61 -3.30 2.86 2.25
CA ALA B 61 -3.54 3.76 1.13
C ALA B 61 -4.20 2.96 0.01
N LYS B 62 -4.37 3.59 -1.15
CA LYS B 62 -5.05 2.94 -2.26
C LYS B 62 -4.24 1.76 -2.77
N ILE B 63 -4.94 0.69 -3.16
CA ILE B 63 -4.34 -0.51 -3.70
C ILE B 63 -4.49 -0.52 -5.21
N TYR B 64 -3.37 -0.71 -5.92
CA TYR B 64 -3.38 -0.58 -7.38
C TYR B 64 -3.22 -1.89 -8.14
N ALA B 65 -2.64 -2.92 -7.54
CA ALA B 65 -2.46 -4.17 -8.27
C ALA B 65 -2.36 -5.33 -7.30
N MET B 66 -2.53 -6.53 -7.83
CA MET B 66 -2.36 -7.76 -7.08
C MET B 66 -2.15 -8.91 -8.06
N HIS B 67 -1.63 -10.02 -7.55
CA HIS B 67 -1.44 -11.21 -8.37
C HIS B 67 -1.45 -12.45 -7.49
N TRP B 68 -2.03 -13.51 -8.01
CA TRP B 68 -2.10 -14.77 -7.29
C TRP B 68 -0.83 -15.58 -7.51
N GLY B 69 -0.44 -16.33 -6.49
CA GLY B 69 0.61 -17.30 -6.65
C GLY B 69 0.16 -18.55 -7.38
N THR B 70 1.12 -19.26 -7.97
CA THR B 70 0.78 -20.41 -8.78
C THR B 70 0.36 -21.61 -7.94
N ASP B 71 0.56 -21.56 -6.63
CA ASP B 71 0.10 -22.61 -5.73
C ASP B 71 -1.26 -22.30 -5.14
N SER B 72 -1.88 -21.18 -5.56
CA SER B 72 -3.24 -20.82 -5.18
C SER B 72 -3.40 -20.58 -3.69
N ARG B 73 -2.33 -20.19 -3.02
CA ARG B 73 -2.45 -19.86 -1.61
C ARG B 73 -1.88 -18.50 -1.26
N LEU B 74 -0.77 -18.11 -1.87
CA LEU B 74 -0.13 -16.84 -1.57
C LEU B 74 -0.44 -15.81 -2.65
N LEU B 75 -0.43 -14.54 -2.26
CA LEU B 75 -0.63 -13.45 -3.19
C LEU B 75 0.16 -12.24 -2.75
N VAL B 76 0.33 -11.30 -3.67
CA VAL B 76 1.09 -10.07 -3.45
C VAL B 76 0.18 -8.88 -3.74
N SER B 77 0.35 -7.81 -2.99
CA SER B 77 -0.42 -6.59 -3.21
C SER B 77 0.50 -5.39 -3.15
N ALA B 78 0.20 -4.38 -3.97
CA ALA B 78 0.98 -3.16 -4.07
C ALA B 78 0.09 -1.95 -3.81
N SER B 79 0.61 -0.99 -3.05
CA SER B 79 -0.16 0.18 -2.67
C SER B 79 0.73 1.41 -2.73
N GLN B 80 0.11 2.58 -2.53
CA GLN B 80 0.80 3.85 -2.71
C GLN B 80 1.44 4.37 -1.44
N ASP B 81 1.40 3.63 -0.34
CA ASP B 81 2.16 4.02 0.83
C ASP B 81 3.61 3.57 0.76
N GLY B 82 3.97 2.80 -0.26
CA GLY B 82 5.35 2.39 -0.45
C GLY B 82 5.66 1.04 0.15
N LYS B 83 4.75 0.08 0.03
CA LYS B 83 4.92 -1.23 0.62
C LYS B 83 4.43 -2.29 -0.36
N LEU B 84 5.15 -3.41 -0.40
CA LEU B 84 4.64 -4.66 -0.98
C LEU B 84 4.41 -5.65 0.15
N ILE B 85 3.21 -6.24 0.19
CA ILE B 85 2.84 -7.17 1.24
C ILE B 85 2.47 -8.50 0.61
N ILE B 86 3.04 -9.58 1.13
CA ILE B 86 2.72 -10.94 0.71
C ILE B 86 1.81 -11.57 1.75
N TRP B 87 0.66 -12.08 1.32
CA TRP B 87 -0.35 -12.59 2.23
C TRP B 87 -0.50 -14.09 2.11
N ASP B 88 -0.85 -14.72 3.23
CA ASP B 88 -1.23 -16.13 3.28
C ASP B 88 -2.75 -16.15 3.44
N SER B 89 -3.47 -16.47 2.37
CA SER B 89 -4.91 -16.32 2.36
C SER B 89 -5.64 -17.29 3.28
N TYR B 90 -5.03 -18.43 3.63
CA TYR B 90 -5.71 -19.40 4.48
C TYR B 90 -5.80 -18.94 5.93
N THR B 91 -4.81 -18.18 6.41
CA THR B 91 -4.77 -17.76 7.79
C THR B 91 -4.72 -16.24 7.94
N THR B 92 -4.73 -15.49 6.83
CA THR B 92 -4.69 -14.03 6.83
C THR B 92 -3.44 -13.49 7.53
N ASN B 93 -2.35 -14.25 7.49
CA ASN B 93 -1.07 -13.82 8.01
C ASN B 93 -0.28 -13.05 6.96
N LYS B 94 0.66 -12.24 7.43
CA LYS B 94 1.58 -11.51 6.55
C LYS B 94 2.92 -12.20 6.58
N VAL B 95 3.42 -12.56 5.40
CA VAL B 95 4.70 -13.26 5.29
C VAL B 95 5.87 -12.29 5.14
N HIS B 96 5.74 -11.31 4.24
CA HIS B 96 6.79 -10.32 4.02
C HIS B 96 6.20 -8.94 3.81
N ALA B 97 7.02 -7.93 4.06
CA ALA B 97 6.66 -6.54 3.82
C ALA B 97 7.92 -5.84 3.30
N ILE B 98 7.89 -5.44 2.04
CA ILE B 98 9.07 -4.98 1.32
C ILE B 98 8.95 -3.48 1.09
N PRO B 99 9.84 -2.66 1.63
CA PRO B 99 9.83 -1.23 1.29
C PRO B 99 10.48 -0.97 -0.06
N LEU B 100 9.90 -0.04 -0.82
CA LEU B 100 10.34 0.30 -2.16
C LEU B 100 11.09 1.63 -2.17
N ARG B 101 11.98 1.77 -3.15
CA ARG B 101 12.73 3.00 -3.31
C ARG B 101 11.89 4.12 -3.92
N SER B 102 10.79 3.78 -4.58
CA SER B 102 9.87 4.77 -5.14
C SER B 102 8.45 4.39 -4.70
N SER B 103 7.71 5.38 -4.22
CA SER B 103 6.38 5.11 -3.69
C SER B 103 5.28 5.09 -4.75
N TRP B 104 5.59 5.42 -6.00
CA TRP B 104 4.59 5.55 -7.04
C TRP B 104 4.59 4.29 -7.88
N VAL B 105 3.82 3.29 -7.44
CA VAL B 105 3.86 1.95 -8.02
C VAL B 105 2.48 1.63 -8.59
N MET B 106 2.46 1.08 -9.81
CA MET B 106 1.22 0.81 -10.52
C MET B 106 1.01 -0.65 -10.87
N THR B 107 1.99 -1.52 -10.64
CA THR B 107 1.82 -2.91 -11.05
C THR B 107 2.71 -3.80 -10.21
N CYS B 108 2.39 -5.10 -10.24
CA CYS B 108 3.18 -6.11 -9.56
C CYS B 108 2.91 -7.45 -10.22
N ALA B 109 3.83 -8.39 -10.02
CA ALA B 109 3.72 -9.70 -10.62
C ALA B 109 4.37 -10.73 -9.72
N TYR B 110 4.01 -12.00 -9.93
CA TYR B 110 4.52 -13.10 -9.14
C TYR B 110 5.09 -14.16 -10.06
N ALA B 111 6.29 -14.64 -9.75
CA ALA B 111 6.94 -15.64 -10.59
C ALA B 111 6.16 -16.95 -10.51
N PRO B 112 6.09 -17.70 -11.61
CA PRO B 112 5.38 -18.98 -11.58
C PRO B 112 6.03 -20.02 -10.68
N SER B 113 7.29 -19.85 -10.31
CA SER B 113 7.94 -20.76 -9.38
C SER B 113 7.82 -20.32 -7.94
N GLY B 114 7.65 -19.02 -7.69
CA GLY B 114 7.51 -18.50 -6.35
C GLY B 114 8.75 -17.85 -5.79
N ASN B 115 9.81 -17.72 -6.58
CA ASN B 115 11.08 -17.21 -6.10
C ASN B 115 11.19 -15.69 -6.21
N TYR B 116 10.54 -15.06 -7.18
CA TYR B 116 10.75 -13.64 -7.42
C TYR B 116 9.43 -12.89 -7.42
N VAL B 117 9.55 -11.56 -7.37
CA VAL B 117 8.42 -10.65 -7.41
C VAL B 117 8.86 -9.40 -8.17
N ALA B 118 7.99 -8.87 -9.02
CA ALA B 118 8.33 -7.70 -9.83
C ALA B 118 7.45 -6.51 -9.46
N CYS B 119 7.95 -5.32 -9.77
CA CYS B 119 7.28 -4.09 -9.39
C CYS B 119 7.75 -2.97 -10.33
N GLY B 120 6.95 -1.92 -10.41
CA GLY B 120 7.29 -0.80 -11.27
C GLY B 120 6.22 0.26 -11.19
N GLY B 121 6.54 1.43 -11.75
CA GLY B 121 5.61 2.55 -11.67
C GLY B 121 6.05 3.81 -12.40
N LEU B 122 5.91 4.95 -11.74
CA LEU B 122 6.20 6.23 -12.37
C LEU B 122 7.69 6.55 -12.49
N ASP B 123 8.56 5.68 -12.00
CA ASP B 123 9.99 5.91 -12.10
C ASP B 123 10.60 5.28 -13.34
N ASN B 124 9.78 4.70 -14.22
CA ASN B 124 10.22 4.12 -15.49
C ASN B 124 11.21 2.97 -15.29
N ILE B 125 11.12 2.29 -14.16
CA ILE B 125 12.08 1.24 -13.80
C ILE B 125 11.29 0.04 -13.27
N CYS B 126 11.70 -1.15 -13.69
CA CYS B 126 11.13 -2.39 -13.19
C CYS B 126 12.12 -3.03 -12.22
N SER B 127 11.66 -3.35 -11.01
CA SER B 127 12.49 -3.86 -9.95
C SER B 127 12.13 -5.31 -9.65
N ILE B 128 13.14 -6.17 -9.55
CA ILE B 128 12.96 -7.60 -9.33
C ILE B 128 13.54 -7.96 -7.97
N TYR B 129 12.73 -8.60 -7.13
CA TYR B 129 13.10 -8.91 -5.75
C TYR B 129 13.22 -10.41 -5.57
N ASN B 130 14.24 -10.82 -4.82
CA ASN B 130 14.54 -12.22 -4.57
C ASN B 130 13.98 -12.59 -3.21
N LEU B 131 13.11 -13.61 -3.18
CA LEU B 131 12.40 -13.96 -1.96
C LEU B 131 13.09 -15.04 -1.13
N LYS B 132 14.07 -15.75 -1.67
CA LYS B 132 14.68 -16.88 -0.99
C LYS B 132 16.19 -16.71 -0.99
N THR B 133 16.73 -16.25 0.13
CA THR B 133 18.16 -15.97 0.27
C THR B 133 18.62 -16.42 1.64
N ARG B 134 19.94 -16.58 1.77
CA ARG B 134 20.50 -17.09 3.02
C ARG B 134 20.37 -16.08 4.16
N GLU B 135 20.38 -14.78 3.87
CA GLU B 135 20.35 -13.79 4.92
C GLU B 135 18.98 -13.64 5.56
N GLY B 136 17.92 -14.07 4.89
CA GLY B 136 16.59 -14.05 5.47
C GLY B 136 15.80 -12.79 5.26
N ASN B 137 16.23 -11.91 4.37
CA ASN B 137 15.48 -10.70 4.05
C ASN B 137 15.44 -10.53 2.54
N VAL B 138 14.40 -9.85 2.07
CA VAL B 138 14.22 -9.61 0.64
C VAL B 138 15.12 -8.46 0.21
N ARG B 139 15.85 -8.66 -0.89
CA ARG B 139 16.77 -7.67 -1.40
C ARG B 139 16.62 -7.58 -2.91
N VAL B 140 17.00 -6.42 -3.46
CA VAL B 140 16.86 -6.17 -4.89
C VAL B 140 17.86 -7.00 -5.67
N SER B 141 17.37 -7.76 -6.64
CA SER B 141 18.24 -8.57 -7.48
C SER B 141 18.70 -7.83 -8.74
N ARG B 142 17.81 -7.11 -9.40
CA ARG B 142 18.18 -6.35 -10.58
C ARG B 142 17.20 -5.20 -10.76
N GLU B 143 17.65 -4.16 -11.46
CA GLU B 143 16.81 -3.05 -11.87
C GLU B 143 16.94 -2.87 -13.38
N LEU B 144 15.81 -2.91 -14.08
CA LEU B 144 15.77 -2.84 -15.53
C LEU B 144 15.30 -1.46 -15.98
N ALA B 145 16.15 -0.78 -16.74
CA ALA B 145 15.89 0.58 -17.20
C ALA B 145 16.04 0.65 -18.72
N GLY B 146 15.33 1.58 -19.33
CA GLY B 146 15.35 1.71 -20.77
C GLY B 146 14.05 2.19 -21.38
N HIS B 147 12.97 2.14 -20.59
CA HIS B 147 11.72 2.74 -21.00
C HIS B 147 11.75 4.25 -20.80
N THR B 148 11.00 4.96 -21.64
CA THR B 148 10.91 6.42 -21.57
C THR B 148 9.52 6.88 -21.14
N GLY B 149 8.76 6.02 -20.48
CA GLY B 149 7.47 6.37 -19.92
C GLY B 149 7.14 5.44 -18.78
N TYR B 150 6.11 5.82 -18.03
CA TYR B 150 5.73 5.05 -16.84
C TYR B 150 5.41 3.61 -17.22
N LEU B 151 5.59 2.70 -16.26
CA LEU B 151 5.39 1.28 -16.50
C LEU B 151 3.95 0.90 -16.16
N SER B 152 3.28 0.23 -17.10
CA SER B 152 1.87 -0.08 -16.93
C SER B 152 1.64 -1.49 -16.39
N CYS B 153 2.28 -2.50 -16.99
CA CYS B 153 2.05 -3.87 -16.58
C CYS B 153 3.31 -4.68 -16.81
N CYS B 154 3.40 -5.82 -16.14
CA CYS B 154 4.55 -6.71 -16.28
C CYS B 154 4.11 -8.12 -15.90
N ARG B 155 4.64 -9.10 -16.62
CA ARG B 155 4.25 -10.49 -16.43
C ARG B 155 5.45 -11.38 -16.64
N PHE B 156 5.70 -12.30 -15.71
CA PHE B 156 6.80 -13.23 -15.87
C PHE B 156 6.47 -14.26 -16.95
N LEU B 157 7.46 -14.56 -17.76
CA LEU B 157 7.37 -15.69 -18.69
C LEU B 157 8.06 -16.94 -18.17
N ASP B 158 8.97 -16.78 -17.23
CA ASP B 158 9.88 -17.82 -16.78
C ASP B 158 10.58 -17.29 -15.53
N ASP B 159 11.54 -18.04 -15.01
CA ASP B 159 12.38 -17.50 -13.95
C ASP B 159 13.48 -16.61 -14.48
N ASN B 160 13.63 -16.50 -15.81
CA ASN B 160 14.70 -15.72 -16.39
C ASN B 160 14.25 -14.72 -17.44
N GLN B 161 12.97 -14.69 -17.80
CA GLN B 161 12.47 -13.78 -18.82
C GLN B 161 11.22 -13.09 -18.33
N ILE B 162 11.08 -11.80 -18.68
CA ILE B 162 9.94 -11.00 -18.26
C ILE B 162 9.57 -10.05 -19.38
N VAL B 163 8.27 -9.79 -19.52
CA VAL B 163 7.73 -8.92 -20.54
C VAL B 163 7.08 -7.72 -19.87
N THR B 164 7.42 -6.52 -20.34
CA THR B 164 6.90 -5.29 -19.77
C THR B 164 6.28 -4.44 -20.86
N SER B 165 5.32 -3.61 -20.46
CA SER B 165 4.72 -2.62 -21.34
C SER B 165 4.76 -1.26 -20.67
N SER B 166 4.85 -0.21 -21.47
CA SER B 166 5.04 1.14 -20.94
C SER B 166 4.24 2.13 -21.78
N GLY B 167 4.12 3.34 -21.25
CA GLY B 167 3.39 4.42 -21.89
C GLY B 167 4.14 5.14 -22.98
N ASP B 168 5.29 4.63 -23.42
CA ASP B 168 5.96 5.12 -24.61
C ASP B 168 5.62 4.32 -25.85
N THR B 169 4.46 3.65 -25.86
CA THR B 169 3.93 2.93 -27.03
C THR B 169 4.82 1.74 -27.41
N THR B 170 5.50 1.12 -26.44
CA THR B 170 6.32 -0.04 -26.76
C THR B 170 6.16 -1.12 -25.70
N CYS B 171 6.45 -2.35 -26.10
CA CYS B 171 6.59 -3.49 -25.22
C CYS B 171 7.99 -4.08 -25.41
N ALA B 172 8.43 -4.89 -24.45
CA ALA B 172 9.77 -5.44 -24.52
C ALA B 172 9.83 -6.79 -23.85
N LEU B 173 10.85 -7.57 -24.21
CA LEU B 173 11.13 -8.87 -23.63
C LEU B 173 12.54 -8.85 -23.06
N TRP B 174 12.68 -9.18 -21.78
CA TRP B 174 13.94 -8.98 -21.08
C TRP B 174 14.65 -10.30 -20.80
N ASP B 175 15.95 -10.17 -20.53
CA ASP B 175 16.85 -11.23 -20.07
C ASP B 175 17.39 -10.79 -18.72
N ILE B 176 16.96 -11.42 -17.63
CA ILE B 176 17.24 -10.84 -16.32
C ILE B 176 18.73 -10.81 -15.98
N GLU B 177 19.54 -11.75 -16.46
CA GLU B 177 20.97 -11.65 -16.18
C GLU B 177 21.60 -10.44 -16.88
N THR B 178 21.30 -10.25 -18.16
CA THR B 178 21.90 -9.19 -18.96
C THR B 178 20.99 -7.97 -19.02
N GLY B 179 21.56 -6.80 -18.71
CA GLY B 179 20.77 -5.59 -18.67
C GLY B 179 20.26 -4.96 -19.95
N GLN B 180 20.20 -5.69 -21.06
CA GLN B 180 19.74 -5.14 -22.32
C GLN B 180 18.49 -5.86 -22.80
N GLN B 181 17.62 -5.10 -23.45
CA GLN B 181 16.42 -5.61 -24.08
C GLN B 181 16.79 -6.59 -25.18
N THR B 182 16.06 -7.70 -25.25
CA THR B 182 16.29 -8.68 -26.31
C THR B 182 15.33 -8.54 -27.48
N THR B 183 14.11 -8.05 -27.26
CA THR B 183 13.20 -7.80 -28.35
C THR B 183 12.37 -6.59 -27.97
N THR B 184 12.12 -5.72 -28.95
CA THR B 184 11.27 -4.56 -28.77
C THR B 184 10.12 -4.59 -29.77
N PHE B 185 8.94 -4.20 -29.30
CA PHE B 185 7.72 -4.19 -30.09
C PHE B 185 7.35 -2.72 -30.26
N THR B 186 7.33 -2.25 -31.51
CA THR B 186 7.12 -0.83 -31.73
C THR B 186 5.95 -0.46 -32.65
N GLY B 187 5.51 -1.33 -33.55
CA GLY B 187 4.37 -0.94 -34.35
C GLY B 187 3.15 -0.84 -33.45
N HIS B 188 2.77 0.38 -33.10
CA HIS B 188 1.57 0.64 -32.29
C HIS B 188 1.44 2.16 -32.22
N THR B 189 0.25 2.72 -32.01
CA THR B 189 0.16 4.17 -31.92
C THR B 189 -0.23 4.76 -30.56
N GLY B 190 -1.18 4.18 -29.83
CA GLY B 190 -1.54 4.75 -28.55
C GLY B 190 -0.60 4.49 -27.38
N ASP B 191 -1.16 4.26 -26.20
CA ASP B 191 -0.40 4.02 -24.98
C ASP B 191 -0.81 2.64 -24.49
N VAL B 192 0.15 1.76 -24.30
CA VAL B 192 -0.19 0.41 -23.85
C VAL B 192 -0.51 0.43 -22.37
N MET B 193 -1.71 -0.05 -22.02
CA MET B 193 -2.22 0.02 -20.66
C MET B 193 -2.34 -1.33 -19.98
N SER B 194 -2.55 -2.41 -20.73
CA SER B 194 -2.68 -3.73 -20.11
C SER B 194 -2.11 -4.78 -21.04
N LEU B 195 -1.97 -5.99 -20.51
CA LEU B 195 -1.19 -7.05 -21.13
C LEU B 195 -1.58 -8.38 -20.51
N SER B 196 -1.60 -9.44 -21.32
CA SER B 196 -1.99 -10.75 -20.83
C SER B 196 -1.28 -11.82 -21.64
N LEU B 197 -0.67 -12.77 -20.93
CA LEU B 197 0.10 -13.86 -21.51
C LEU B 197 -0.76 -15.09 -21.78
N ALA B 198 -0.43 -15.79 -22.85
CA ALA B 198 -1.11 -17.03 -23.19
C ALA B 198 -0.71 -18.14 -22.23
N PRO B 199 -1.57 -19.16 -22.05
CA PRO B 199 -1.21 -20.27 -21.16
C PRO B 199 0.06 -21.02 -21.57
N ASP B 200 0.30 -21.18 -22.86
CA ASP B 200 1.49 -21.88 -23.33
C ASP B 200 2.69 -20.95 -23.51
N THR B 201 2.49 -19.64 -23.31
CA THR B 201 3.56 -18.64 -23.29
C THR B 201 4.35 -18.65 -24.60
N ARG B 202 3.61 -18.41 -25.68
CA ARG B 202 4.22 -18.13 -26.97
C ARG B 202 3.64 -16.90 -27.64
N LEU B 203 2.47 -16.43 -27.22
CA LEU B 203 1.86 -15.23 -27.76
C LEU B 203 1.32 -14.41 -26.61
N PHE B 204 1.04 -13.13 -26.87
CA PHE B 204 0.36 -12.32 -25.88
C PHE B 204 -0.39 -11.20 -26.60
N VAL B 205 -1.33 -10.59 -25.89
CA VAL B 205 -2.13 -9.51 -26.42
C VAL B 205 -1.89 -8.25 -25.61
N SER B 206 -2.06 -7.09 -26.25
CA SER B 206 -1.90 -5.81 -25.60
C SER B 206 -3.04 -4.89 -26.01
N GLY B 207 -3.58 -4.15 -25.03
CA GLY B 207 -4.64 -3.19 -25.28
C GLY B 207 -4.28 -1.77 -24.92
N ALA B 208 -4.59 -0.81 -25.79
CA ALA B 208 -4.09 0.55 -25.65
C ALA B 208 -5.23 1.55 -25.74
N CYS B 209 -4.86 2.83 -25.69
CA CYS B 209 -5.82 3.93 -25.68
C CYS B 209 -6.15 4.45 -27.07
N ASP B 210 -5.67 3.79 -28.13
CA ASP B 210 -6.11 4.11 -29.47
C ASP B 210 -7.27 3.23 -29.92
N ALA B 211 -7.94 2.56 -28.97
CA ALA B 211 -9.09 1.70 -29.24
C ALA B 211 -8.74 0.56 -30.20
N SER B 212 -7.61 -0.09 -29.96
CA SER B 212 -7.27 -1.28 -30.74
C SER B 212 -6.46 -2.25 -29.88
N ALA B 213 -6.50 -3.52 -30.27
CA ALA B 213 -5.76 -4.58 -29.61
C ALA B 213 -4.93 -5.31 -30.65
N LYS B 214 -3.76 -5.81 -30.24
CA LYS B 214 -2.83 -6.45 -31.15
C LYS B 214 -2.35 -7.78 -30.58
N LEU B 215 -2.12 -8.74 -31.48
CA LEU B 215 -1.60 -10.06 -31.15
C LEU B 215 -0.14 -10.16 -31.56
N TRP B 216 0.75 -10.37 -30.60
CA TRP B 216 2.18 -10.43 -30.85
C TRP B 216 2.70 -11.86 -30.73
N ASP B 217 3.78 -12.13 -31.46
CA ASP B 217 4.46 -13.42 -31.46
C ASP B 217 5.80 -13.19 -30.77
N VAL B 218 6.10 -14.00 -29.76
CA VAL B 218 7.28 -13.72 -28.93
C VAL B 218 8.57 -13.98 -29.69
N ARG B 219 8.61 -15.06 -30.47
CA ARG B 219 9.88 -15.50 -31.07
C ARG B 219 10.41 -14.54 -32.13
N GLU B 220 9.53 -14.01 -32.98
CA GLU B 220 9.94 -12.99 -33.95
C GLU B 220 9.70 -11.56 -33.49
N GLY B 221 8.57 -11.32 -32.84
CA GLY B 221 8.07 -10.01 -32.52
C GLY B 221 7.50 -9.24 -33.69
N MET B 222 6.41 -9.77 -34.22
CA MET B 222 5.65 -9.19 -35.32
C MET B 222 4.19 -9.20 -34.92
N CYS B 223 3.42 -8.25 -35.42
CA CYS B 223 1.99 -8.24 -35.11
C CYS B 223 1.25 -9.04 -36.18
N ARG B 224 0.30 -9.86 -35.73
CA ARG B 224 -0.43 -10.75 -36.62
C ARG B 224 -1.82 -10.28 -36.94
N GLN B 225 -2.58 -9.81 -35.95
CA GLN B 225 -3.92 -9.31 -36.18
C GLN B 225 -4.17 -8.10 -35.31
N THR B 226 -5.04 -7.23 -35.79
CA THR B 226 -5.43 -6.01 -35.10
C THR B 226 -6.94 -5.92 -35.06
N PHE B 227 -7.48 -5.55 -33.90
CA PHE B 227 -8.92 -5.51 -33.72
C PHE B 227 -9.28 -4.08 -33.33
N THR B 228 -10.17 -3.46 -34.10
CA THR B 228 -10.64 -2.10 -33.84
C THR B 228 -12.15 -2.15 -33.66
N GLY B 229 -12.61 -2.38 -32.44
CA GLY B 229 -14.03 -2.44 -32.24
C GLY B 229 -14.59 -1.53 -31.17
N HIS B 230 -13.78 -1.16 -30.18
CA HIS B 230 -14.28 -0.25 -29.17
C HIS B 230 -14.39 1.18 -29.68
N GLU B 231 -14.83 2.05 -28.78
CA GLU B 231 -14.97 3.47 -29.06
C GLU B 231 -14.20 4.36 -28.10
N SER B 232 -13.20 3.82 -27.40
CA SER B 232 -12.41 4.64 -26.48
C SER B 232 -11.14 3.90 -26.10
N ASP B 233 -10.40 4.46 -25.14
CA ASP B 233 -9.42 3.77 -24.31
C ASP B 233 -9.84 2.37 -23.90
N ILE B 234 -8.88 1.46 -23.93
CA ILE B 234 -9.01 0.10 -23.40
C ILE B 234 -8.24 0.07 -22.08
N ASN B 235 -8.89 -0.35 -21.00
CA ASN B 235 -8.24 -0.35 -19.69
C ASN B 235 -7.87 -1.72 -19.16
N ALA B 236 -8.57 -2.78 -19.57
CA ALA B 236 -8.28 -4.10 -19.03
C ALA B 236 -8.39 -5.15 -20.12
N ILE B 237 -7.66 -6.24 -19.93
CA ILE B 237 -7.60 -7.30 -20.94
C ILE B 237 -7.24 -8.60 -20.24
N CYS B 238 -7.71 -9.70 -20.81
CA CYS B 238 -7.43 -11.04 -20.29
C CYS B 238 -7.61 -12.00 -21.44
N PHE B 239 -6.84 -13.07 -21.42
CA PHE B 239 -6.93 -14.09 -22.45
C PHE B 239 -7.91 -15.17 -21.96
N PHE B 240 -8.73 -15.72 -22.85
CA PHE B 240 -9.54 -16.90 -22.56
C PHE B 240 -8.69 -18.15 -22.27
N PRO B 241 -9.13 -19.01 -21.34
CA PRO B 241 -8.36 -20.21 -20.99
C PRO B 241 -8.16 -21.23 -22.11
N ASN B 242 -9.02 -21.27 -23.12
CA ASN B 242 -8.85 -22.24 -24.20
C ASN B 242 -7.65 -21.93 -25.06
N GLY B 243 -7.31 -20.65 -25.18
CA GLY B 243 -6.25 -20.19 -26.05
C GLY B 243 -6.67 -19.83 -27.46
N ASN B 244 -7.97 -19.69 -27.72
CA ASN B 244 -8.44 -19.28 -29.04
C ASN B 244 -9.31 -18.04 -28.99
N ALA B 245 -9.34 -17.32 -27.87
CA ALA B 245 -10.12 -16.09 -27.76
C ALA B 245 -9.62 -15.28 -26.58
N PHE B 246 -10.04 -14.02 -26.53
CA PHE B 246 -9.70 -13.16 -25.40
C PHE B 246 -10.81 -12.14 -25.22
N ALA B 247 -10.79 -11.46 -24.08
CA ALA B 247 -11.82 -10.49 -23.73
C ALA B 247 -11.17 -9.20 -23.28
N THR B 248 -11.82 -8.08 -23.60
CA THR B 248 -11.33 -6.75 -23.28
C THR B 248 -12.37 -5.97 -22.51
N GLY B 249 -11.91 -4.91 -21.85
CA GLY B 249 -12.76 -4.05 -21.05
C GLY B 249 -12.24 -2.63 -21.14
N SER B 250 -13.13 -1.65 -21.32
CA SER B 250 -12.69 -0.34 -21.77
C SER B 250 -13.38 0.74 -20.95
N ASP B 251 -13.20 1.99 -21.38
CA ASP B 251 -13.73 3.13 -20.67
C ASP B 251 -15.15 3.53 -21.09
N ASP B 252 -15.71 2.91 -22.13
CA ASP B 252 -17.06 3.22 -22.58
C ASP B 252 -18.13 2.34 -21.93
N ALA B 253 -17.82 1.72 -20.79
CA ALA B 253 -18.76 0.91 -20.01
C ALA B 253 -19.29 -0.28 -20.82
N THR B 254 -18.37 -1.09 -21.33
CA THR B 254 -18.71 -2.21 -22.20
C THR B 254 -17.53 -3.17 -22.22
N CYS B 255 -17.79 -4.46 -22.00
CA CYS B 255 -16.79 -5.48 -22.26
C CYS B 255 -17.09 -6.14 -23.60
N ARG B 256 -16.07 -6.75 -24.19
CA ARG B 256 -16.22 -7.35 -25.50
C ARG B 256 -15.37 -8.62 -25.58
N LEU B 257 -15.83 -9.58 -26.37
CA LEU B 257 -15.15 -10.86 -26.54
C LEU B 257 -14.71 -11.01 -28.00
N PHE B 258 -13.42 -11.20 -28.23
CA PHE B 258 -12.84 -11.32 -29.56
C PHE B 258 -12.32 -12.74 -29.77
N ASP B 259 -12.45 -13.24 -30.99
CA ASP B 259 -12.06 -14.62 -31.32
C ASP B 259 -10.89 -14.63 -32.31
N LEU B 260 -9.84 -15.38 -31.95
CA LEU B 260 -8.62 -15.41 -32.76
C LEU B 260 -8.81 -16.15 -34.08
N ARG B 261 -9.45 -17.32 -34.04
CA ARG B 261 -9.49 -18.18 -35.22
C ARG B 261 -10.39 -17.61 -36.30
N ALA B 262 -11.48 -16.96 -35.92
CA ALA B 262 -12.34 -16.31 -36.91
C ALA B 262 -11.93 -14.87 -37.16
N ASP B 263 -11.11 -14.30 -36.28
CA ASP B 263 -10.55 -12.95 -36.43
C ASP B 263 -11.65 -11.90 -36.53
N GLN B 264 -12.65 -11.99 -35.65
CA GLN B 264 -13.76 -11.06 -35.71
C GLN B 264 -14.27 -10.87 -34.27
N GLU B 265 -15.47 -10.29 -34.14
CA GLU B 265 -16.12 -10.07 -32.86
C GLU B 265 -17.34 -10.96 -32.70
N LEU B 266 -17.53 -11.52 -31.49
CA LEU B 266 -18.66 -12.39 -31.20
C LEU B 266 -19.75 -11.72 -30.38
N MET B 267 -19.41 -11.08 -29.25
CA MET B 267 -20.44 -10.51 -28.38
C MET B 267 -19.99 -9.25 -27.66
N THR B 268 -21.00 -8.45 -27.32
CA THR B 268 -20.85 -7.19 -26.60
C THR B 268 -21.68 -7.30 -25.33
N TYR B 269 -21.06 -7.05 -24.18
CA TYR B 269 -21.72 -7.23 -22.89
C TYR B 269 -21.97 -5.86 -22.27
N SER B 270 -23.15 -5.31 -22.54
CA SER B 270 -23.49 -4.00 -21.99
C SER B 270 -24.91 -4.02 -21.46
N HIS B 271 -25.12 -3.27 -20.38
CA HIS B 271 -26.42 -3.08 -19.78
C HIS B 271 -26.63 -1.58 -19.56
N ASP B 272 -27.90 -1.20 -19.49
CA ASP B 272 -28.19 0.22 -19.35
C ASP B 272 -27.95 0.64 -17.91
N ASN B 273 -28.12 1.93 -17.64
CA ASN B 273 -27.93 2.61 -16.35
C ASN B 273 -26.47 2.59 -15.88
N ILE B 274 -25.56 2.00 -16.66
CA ILE B 274 -24.15 1.87 -16.28
C ILE B 274 -23.38 2.83 -17.19
N ILE B 275 -22.68 3.79 -16.58
CA ILE B 275 -21.98 4.83 -17.34
C ILE B 275 -20.55 4.94 -16.82
N CYS B 276 -20.09 3.95 -16.07
CA CYS B 276 -18.73 4.01 -15.56
C CYS B 276 -17.82 2.98 -16.22
N GLY B 277 -16.53 3.28 -16.19
CA GLY B 277 -15.52 2.46 -16.83
C GLY B 277 -15.26 1.15 -16.11
N ILE B 278 -14.49 0.29 -16.79
CA ILE B 278 -14.14 -1.03 -16.29
C ILE B 278 -12.64 -1.04 -16.02
N THR B 279 -12.25 -1.54 -14.85
CA THR B 279 -10.86 -1.53 -14.44
C THR B 279 -10.16 -2.87 -14.63
N SER B 280 -10.87 -3.98 -14.50
CA SER B 280 -10.24 -5.29 -14.57
C SER B 280 -11.23 -6.32 -15.08
N VAL B 281 -10.70 -7.42 -15.62
CA VAL B 281 -11.51 -8.46 -16.24
C VAL B 281 -10.77 -9.79 -16.06
N SER B 282 -11.54 -10.87 -15.87
CA SER B 282 -10.94 -12.20 -15.70
C SER B 282 -12.01 -13.24 -15.98
N PHE B 283 -11.55 -14.44 -16.30
CA PHE B 283 -12.43 -15.56 -16.62
C PHE B 283 -12.46 -16.58 -15.50
N SER B 284 -13.42 -17.49 -15.59
CA SER B 284 -13.46 -18.65 -14.70
C SER B 284 -12.58 -19.75 -15.29
N LYS B 285 -12.59 -20.93 -14.68
CA LYS B 285 -11.77 -22.02 -15.19
C LYS B 285 -12.36 -22.64 -16.45
N SER B 286 -13.67 -22.78 -16.51
CA SER B 286 -14.31 -23.38 -17.66
C SER B 286 -14.72 -22.35 -18.70
N GLY B 287 -14.46 -21.07 -18.45
CA GLY B 287 -14.82 -20.07 -19.42
C GLY B 287 -16.30 -19.79 -19.49
N ARG B 288 -17.03 -20.05 -18.42
CA ARG B 288 -18.46 -19.81 -18.42
C ARG B 288 -18.83 -18.49 -17.79
N LEU B 289 -18.11 -18.07 -16.75
CA LEU B 289 -18.37 -16.80 -16.09
C LEU B 289 -17.27 -15.81 -16.40
N LEU B 290 -17.66 -14.55 -16.63
CA LEU B 290 -16.73 -13.46 -16.84
C LEU B 290 -16.93 -12.44 -15.72
N LEU B 291 -15.86 -12.08 -15.02
CA LEU B 291 -15.94 -11.17 -13.90
C LEU B 291 -15.30 -9.84 -14.27
N ALA B 292 -16.00 -8.75 -14.00
CA ALA B 292 -15.55 -7.42 -14.37
C ALA B 292 -15.82 -6.45 -13.23
N GLY B 293 -14.87 -5.54 -13.00
CA GLY B 293 -14.96 -4.55 -11.94
C GLY B 293 -15.23 -3.18 -12.52
N TYR B 294 -16.07 -2.39 -11.84
CA TYR B 294 -16.54 -1.12 -12.35
C TYR B 294 -16.16 0.01 -11.40
N ASP B 295 -16.38 1.25 -11.86
CA ASP B 295 -16.14 2.42 -11.03
C ASP B 295 -17.29 2.75 -10.09
N ASP B 296 -18.47 2.15 -10.29
CA ASP B 296 -19.61 2.42 -9.44
C ASP B 296 -19.60 1.58 -8.16
N PHE B 297 -18.43 1.04 -7.82
CA PHE B 297 -18.05 0.33 -6.60
C PHE B 297 -18.49 -1.13 -6.56
N ASN B 298 -19.08 -1.67 -7.62
CA ASN B 298 -19.60 -3.03 -7.60
C ASN B 298 -18.77 -3.88 -8.55
N CYS B 299 -19.19 -5.13 -8.73
CA CYS B 299 -18.52 -6.05 -9.65
C CYS B 299 -19.55 -7.01 -10.17
N ASN B 300 -19.67 -7.10 -11.49
CA ASN B 300 -20.71 -7.93 -12.11
C ASN B 300 -20.09 -9.20 -12.65
N VAL B 301 -20.91 -10.25 -12.68
CA VAL B 301 -20.52 -11.55 -13.20
C VAL B 301 -21.42 -11.88 -14.38
N TRP B 302 -20.80 -12.15 -15.53
CA TRP B 302 -21.52 -12.31 -16.78
C TRP B 302 -21.45 -13.76 -17.23
N ASP B 303 -22.56 -14.24 -17.77
CA ASP B 303 -22.64 -15.51 -18.47
C ASP B 303 -21.91 -15.36 -19.80
N ALA B 304 -20.79 -16.06 -19.98
CA ALA B 304 -19.94 -15.74 -21.12
C ALA B 304 -20.56 -16.11 -22.46
N LEU B 305 -21.59 -16.96 -22.49
CA LEU B 305 -22.20 -17.30 -23.77
C LEU B 305 -23.50 -16.56 -24.01
N LYS B 306 -24.21 -16.18 -22.95
CA LYS B 306 -25.44 -15.40 -23.02
C LYS B 306 -25.19 -14.03 -22.41
N ALA B 307 -25.53 -12.98 -23.11
CA ALA B 307 -25.26 -11.64 -22.57
C ALA B 307 -26.04 -11.30 -21.29
N ASP B 308 -26.76 -12.21 -20.63
CA ASP B 308 -27.46 -11.88 -19.41
C ASP B 308 -26.51 -11.74 -18.22
N ARG B 309 -26.91 -10.89 -17.27
CA ARG B 309 -26.16 -10.62 -16.05
C ARG B 309 -26.57 -11.62 -14.96
N ALA B 310 -25.59 -12.33 -14.40
CA ALA B 310 -25.87 -13.42 -13.47
C ALA B 310 -25.46 -13.11 -12.03
N GLY B 311 -25.54 -11.84 -11.61
CA GLY B 311 -25.22 -11.49 -10.24
C GLY B 311 -24.36 -10.26 -10.03
N VAL B 312 -24.25 -9.82 -8.77
CA VAL B 312 -23.49 -8.62 -8.39
C VAL B 312 -22.72 -8.91 -7.11
N LEU B 313 -21.49 -8.41 -7.02
CA LEU B 313 -20.69 -8.46 -5.80
C LEU B 313 -20.51 -7.02 -5.32
N ALA B 314 -21.11 -6.70 -4.18
CA ALA B 314 -21.36 -5.32 -3.76
C ALA B 314 -20.81 -5.06 -2.36
N GLY B 315 -19.54 -5.37 -2.13
CA GLY B 315 -18.99 -5.21 -0.80
C GLY B 315 -17.82 -4.25 -0.64
N HIS B 316 -17.68 -3.30 -1.55
CA HIS B 316 -16.61 -2.31 -1.49
C HIS B 316 -17.18 -0.91 -1.40
N ASP B 317 -16.39 0.01 -0.85
CA ASP B 317 -16.82 1.38 -0.63
C ASP B 317 -16.22 2.37 -1.63
N ASN B 318 -15.31 1.92 -2.49
CA ASN B 318 -14.74 2.79 -3.51
C ASN B 318 -14.52 1.96 -4.76
N ARG B 319 -13.91 2.56 -5.77
CA ARG B 319 -13.75 1.89 -7.06
C ARG B 319 -12.87 0.65 -6.93
N VAL B 320 -13.33 -0.45 -7.55
CA VAL B 320 -12.60 -1.71 -7.54
C VAL B 320 -11.55 -1.68 -8.64
N SER B 321 -10.28 -1.83 -8.26
CA SER B 321 -9.17 -1.60 -9.17
C SER B 321 -8.45 -2.85 -9.64
N CYS B 322 -8.52 -3.96 -8.90
CA CYS B 322 -7.83 -5.17 -9.31
C CYS B 322 -8.65 -6.38 -8.92
N LEU B 323 -8.43 -7.48 -9.64
CA LEU B 323 -9.30 -8.65 -9.54
C LEU B 323 -8.61 -9.83 -10.16
N GLY B 324 -8.61 -10.97 -9.46
CA GLY B 324 -7.90 -12.14 -9.92
C GLY B 324 -8.58 -13.41 -9.45
N VAL B 325 -8.33 -14.48 -10.18
CA VAL B 325 -8.90 -15.79 -9.92
C VAL B 325 -7.77 -16.79 -9.77
N THR B 326 -7.89 -17.69 -8.80
CA THR B 326 -6.80 -18.62 -8.52
C THR B 326 -6.66 -19.64 -9.64
N ASP B 327 -5.55 -20.37 -9.59
CA ASP B 327 -5.28 -21.35 -10.65
C ASP B 327 -6.21 -22.55 -10.55
N ASP B 328 -6.51 -23.00 -9.34
CA ASP B 328 -7.45 -24.09 -9.15
C ASP B 328 -8.88 -23.62 -9.11
N GLY B 329 -9.11 -22.31 -9.17
CA GLY B 329 -10.47 -21.79 -9.28
C GLY B 329 -11.33 -21.92 -8.05
N MET B 330 -10.77 -21.76 -6.86
CA MET B 330 -11.57 -21.90 -5.65
C MET B 330 -12.06 -20.58 -5.09
N ALA B 331 -11.49 -19.46 -5.51
CA ALA B 331 -11.88 -18.17 -4.93
C ALA B 331 -11.53 -17.06 -5.91
N VAL B 332 -12.13 -15.89 -5.66
CA VAL B 332 -11.86 -14.67 -6.42
C VAL B 332 -11.48 -13.59 -5.42
N ALA B 333 -10.41 -12.85 -5.72
CA ALA B 333 -9.97 -11.75 -4.88
C ALA B 333 -10.12 -10.43 -5.61
N THR B 334 -10.66 -9.42 -4.91
CA THR B 334 -10.84 -8.09 -5.46
C THR B 334 -10.20 -7.07 -4.53
N GLY B 335 -9.50 -6.11 -5.12
CA GLY B 335 -8.96 -5.00 -4.37
C GLY B 335 -9.59 -3.68 -4.78
N SER B 336 -9.47 -2.65 -3.96
CA SER B 336 -10.15 -1.39 -4.22
C SER B 336 -9.39 -0.25 -3.56
N TRP B 337 -9.78 0.97 -3.91
CA TRP B 337 -9.09 2.16 -3.41
C TRP B 337 -9.38 2.45 -1.95
N ASP B 338 -10.28 1.72 -1.31
CA ASP B 338 -10.52 1.90 0.12
C ASP B 338 -9.60 1.08 0.99
N SER B 339 -8.53 0.53 0.40
CA SER B 339 -7.44 -0.12 1.15
C SER B 339 -7.90 -1.40 1.85
N PHE B 340 -8.67 -2.23 1.13
CA PHE B 340 -9.10 -3.53 1.63
C PHE B 340 -9.04 -4.55 0.50
N LEU B 341 -8.80 -5.79 0.88
CA LEU B 341 -8.83 -6.93 -0.02
C LEU B 341 -9.90 -7.91 0.45
N LYS B 342 -10.66 -8.45 -0.48
CA LYS B 342 -11.74 -9.36 -0.13
C LYS B 342 -11.62 -10.64 -0.94
N ILE B 343 -11.99 -11.76 -0.32
CA ILE B 343 -11.97 -13.06 -0.95
C ILE B 343 -13.40 -13.55 -1.09
N TRP B 344 -13.81 -13.85 -2.31
CA TRP B 344 -15.16 -14.29 -2.60
C TRP B 344 -15.12 -15.72 -3.10
N ASN B 345 -16.14 -16.51 -2.73
CA ASN B 345 -16.16 -17.92 -3.05
C ASN B 345 -17.61 -18.36 -2.99
N SER C 7 8.07 10.94 -42.69
CA SER C 7 6.67 10.82 -43.08
C SER C 7 6.53 9.93 -44.31
N ILE C 8 7.56 9.12 -44.57
CA ILE C 8 7.55 8.21 -45.71
C ILE C 8 7.82 6.77 -45.30
N ALA C 9 8.79 6.57 -44.39
CA ALA C 9 9.14 5.23 -43.96
C ALA C 9 8.02 4.50 -43.23
N GLN C 10 7.28 5.20 -42.34
CA GLN C 10 6.16 4.52 -41.67
C GLN C 10 5.08 4.10 -42.66
N ALA C 11 4.77 4.97 -43.63
CA ALA C 11 3.73 4.64 -44.60
C ALA C 11 4.16 3.47 -45.48
N ARG C 12 5.42 3.45 -45.91
CA ARG C 12 5.91 2.32 -46.69
C ARG C 12 5.92 1.04 -45.87
N LYS C 13 6.29 1.15 -44.59
CA LYS C 13 6.34 0.00 -43.68
C LYS C 13 4.96 -0.60 -43.38
N LEU C 14 3.94 0.24 -43.29
CA LEU C 14 2.61 -0.26 -42.96
C LEU C 14 1.99 -1.12 -44.07
N VAL C 15 2.27 -0.85 -45.34
CA VAL C 15 1.67 -1.62 -46.42
C VAL C 15 2.08 -3.11 -46.39
N GLU C 16 3.36 -3.42 -46.18
CA GLU C 16 3.70 -4.85 -46.11
C GLU C 16 3.05 -5.51 -44.91
N GLN C 17 2.93 -4.77 -43.82
CA GLN C 17 2.29 -5.31 -42.62
C GLN C 17 0.83 -5.61 -42.91
N LEU C 18 0.15 -4.69 -43.59
CA LEU C 18 -1.25 -4.93 -43.94
C LEU C 18 -1.40 -6.12 -44.89
N LYS C 19 -0.46 -6.33 -45.82
CA LYS C 19 -0.55 -7.54 -46.63
C LYS C 19 -0.33 -8.80 -45.80
N MET C 20 0.52 -8.71 -44.78
CA MET C 20 0.76 -9.88 -43.95
C MET C 20 -0.44 -10.13 -43.03
N GLU C 21 -1.17 -9.09 -42.67
CA GLU C 21 -2.34 -9.29 -41.83
C GLU C 21 -3.57 -9.54 -42.71
N ALA C 22 -3.40 -9.45 -44.02
CA ALA C 22 -4.47 -9.66 -44.99
C ALA C 22 -4.24 -10.90 -45.83
N ASN C 23 -3.31 -11.76 -45.42
CA ASN C 23 -2.98 -12.96 -46.18
C ASN C 23 -2.99 -14.19 -45.28
N ILE C 24 -3.93 -14.23 -44.34
CA ILE C 24 -4.11 -15.38 -43.45
C ILE C 24 -5.36 -16.14 -43.84
N ASP C 25 -5.45 -17.37 -43.35
CA ASP C 25 -6.59 -18.25 -43.64
C ASP C 25 -7.63 -18.12 -42.54
N ARG C 26 -8.90 -17.98 -42.96
CA ARG C 26 -9.98 -17.72 -42.02
C ARG C 26 -11.00 -18.85 -42.05
N ILE C 27 -11.57 -19.14 -40.87
CA ILE C 27 -12.59 -20.18 -40.73
C ILE C 27 -13.93 -19.52 -40.41
N LYS C 28 -14.98 -20.33 -40.42
CA LYS C 28 -16.32 -19.82 -40.20
C LYS C 28 -16.52 -19.46 -38.72
N VAL C 29 -17.46 -18.55 -38.47
CA VAL C 29 -17.79 -18.17 -37.10
C VAL C 29 -18.50 -19.31 -36.39
N SER C 30 -19.29 -20.10 -37.12
CA SER C 30 -20.06 -21.18 -36.51
C SER C 30 -19.15 -22.24 -35.91
N LYS C 31 -18.03 -22.55 -36.58
CA LYS C 31 -17.13 -23.57 -36.06
C LYS C 31 -16.49 -23.11 -34.76
N ALA C 32 -16.04 -21.85 -34.71
CA ALA C 32 -15.45 -21.34 -33.48
C ALA C 32 -16.49 -21.27 -32.36
N ALA C 33 -17.73 -20.92 -32.70
CA ALA C 33 -18.77 -20.89 -31.68
C ALA C 33 -19.06 -22.29 -31.14
N ALA C 34 -19.09 -23.29 -32.02
CA ALA C 34 -19.33 -24.66 -31.55
C ALA C 34 -18.16 -25.17 -30.73
N ASP C 35 -16.94 -24.72 -31.02
CA ASP C 35 -15.80 -25.18 -30.23
C ASP C 35 -15.79 -24.52 -28.86
N LEU C 36 -16.13 -23.24 -28.80
CA LEU C 36 -16.26 -22.59 -27.49
C LEU C 36 -17.37 -23.21 -26.65
N MET C 37 -18.52 -23.51 -27.26
CA MET C 37 -19.58 -24.10 -26.45
C MET C 37 -19.23 -25.51 -25.99
N ALA C 38 -18.54 -26.28 -26.83
CA ALA C 38 -18.16 -27.63 -26.41
C ALA C 38 -17.10 -27.61 -25.32
N TYR C 39 -16.14 -26.69 -25.41
CA TYR C 39 -15.16 -26.59 -24.34
C TYR C 39 -15.80 -26.12 -23.04
N CYS C 40 -16.78 -25.22 -23.13
CA CYS C 40 -17.46 -24.79 -21.92
C CYS C 40 -18.30 -25.90 -21.31
N GLU C 41 -18.90 -26.75 -22.14
CA GLU C 41 -19.74 -27.83 -21.60
C GLU C 41 -18.90 -28.95 -20.99
N ALA C 42 -17.75 -29.25 -21.58
CA ALA C 42 -16.98 -30.41 -21.13
C ALA C 42 -16.46 -30.25 -19.69
N HIS C 43 -15.95 -29.07 -19.34
CA HIS C 43 -15.30 -28.87 -18.05
C HIS C 43 -16.25 -28.33 -16.98
N ALA C 44 -17.55 -28.60 -17.11
CA ALA C 44 -18.52 -28.03 -16.17
C ALA C 44 -18.39 -28.62 -14.77
N LYS C 45 -18.05 -29.90 -14.65
CA LYS C 45 -18.04 -30.55 -13.34
C LYS C 45 -16.88 -30.10 -12.46
N GLU C 46 -15.83 -29.50 -13.03
CA GLU C 46 -14.66 -29.11 -12.27
C GLU C 46 -14.62 -27.61 -12.01
N ASP C 47 -15.78 -26.96 -11.98
CA ASP C 47 -15.85 -25.52 -11.75
C ASP C 47 -16.57 -25.25 -10.43
N PRO C 48 -15.84 -24.96 -9.35
CA PRO C 48 -16.50 -24.67 -8.07
C PRO C 48 -17.43 -23.47 -8.10
N LEU C 49 -17.12 -22.43 -8.87
CA LEU C 49 -17.94 -21.23 -8.83
C LEU C 49 -19.29 -21.44 -9.53
N LEU C 50 -19.33 -22.28 -10.57
CA LEU C 50 -20.59 -22.55 -11.23
C LEU C 50 -21.49 -23.41 -10.33
N THR C 51 -20.94 -24.49 -9.77
CA THR C 51 -21.67 -25.37 -8.87
C THR C 51 -20.98 -25.38 -7.51
N PRO C 52 -21.51 -24.67 -6.51
CA PRO C 52 -20.81 -24.58 -5.23
C PRO C 52 -20.67 -25.94 -4.57
N VAL C 53 -19.49 -26.20 -4.01
CA VAL C 53 -19.19 -27.49 -3.40
C VAL C 53 -19.61 -27.47 -1.93
N PRO C 54 -19.90 -28.63 -1.33
CA PRO C 54 -20.20 -28.66 0.11
C PRO C 54 -18.99 -28.23 0.92
N ALA C 55 -19.28 -27.73 2.12
CA ALA C 55 -18.28 -27.15 3.02
C ALA C 55 -17.25 -28.15 3.52
N SER C 56 -17.43 -29.45 3.29
CA SER C 56 -16.42 -30.40 3.75
C SER C 56 -15.08 -30.29 3.02
N GLU C 57 -15.06 -29.79 1.79
CA GLU C 57 -13.81 -29.65 1.06
C GLU C 57 -13.61 -28.22 0.57
N ASN C 58 -14.06 -27.25 1.35
CA ASN C 58 -13.86 -25.84 1.05
C ASN C 58 -12.78 -25.29 1.98
N PRO C 59 -11.64 -24.86 1.46
CA PRO C 59 -10.55 -24.42 2.33
C PRO C 59 -10.83 -23.11 3.05
N PHE C 60 -11.91 -22.41 2.73
CA PHE C 60 -12.17 -21.08 3.25
C PHE C 60 -13.32 -21.05 4.25
N ARG C 61 -14.13 -22.10 4.32
CA ARG C 61 -15.18 -22.19 5.32
C ARG C 61 -14.60 -22.35 6.72
N ASP D 1 29.46 -14.58 4.47
CA ASP D 1 28.52 -15.69 4.64
C ASP D 1 28.03 -15.82 6.08
N VAL D 2 27.09 -16.74 6.31
CA VAL D 2 26.52 -16.90 7.63
C VAL D 2 27.55 -17.54 8.55
N GLN D 3 27.76 -16.93 9.71
CA GLN D 3 28.74 -17.46 10.66
C GLN D 3 28.26 -17.22 12.08
N LEU D 4 28.48 -18.21 12.94
CA LEU D 4 28.23 -18.14 14.38
C LEU D 4 29.43 -18.70 15.11
N VAL D 5 30.11 -17.86 15.87
CA VAL D 5 31.37 -18.20 16.54
C VAL D 5 31.13 -18.15 18.05
N GLU D 6 31.56 -19.20 18.74
CA GLU D 6 31.35 -19.38 20.16
C GLU D 6 32.64 -19.19 20.95
N SER D 7 32.47 -18.81 22.21
CA SER D 7 33.60 -18.64 23.11
C SER D 7 33.11 -18.83 24.55
N GLY D 8 34.06 -19.09 25.43
CA GLY D 8 33.81 -19.24 26.84
C GLY D 8 34.02 -20.67 27.28
N GLY D 9 33.41 -21.00 28.41
CA GLY D 9 33.56 -22.34 28.97
C GLY D 9 34.91 -22.68 29.56
N GLY D 10 34.90 -23.53 30.58
CA GLY D 10 36.11 -23.95 31.23
C GLY D 10 35.76 -24.76 32.46
N LEU D 11 36.79 -25.07 33.25
CA LEU D 11 36.59 -25.89 34.43
C LEU D 11 35.87 -25.04 35.48
N VAL D 12 34.83 -25.60 36.09
CA VAL D 12 34.01 -24.89 37.06
C VAL D 12 33.89 -25.73 38.32
N GLN D 13 34.04 -25.09 39.47
CA GLN D 13 33.73 -25.74 40.74
C GLN D 13 32.22 -25.94 40.85
N PRO D 14 31.75 -27.08 41.33
CA PRO D 14 30.31 -27.34 41.41
C PRO D 14 29.62 -26.34 42.33
N GLY D 15 28.41 -25.95 41.95
CA GLY D 15 27.69 -24.92 42.67
C GLY D 15 27.97 -23.51 42.24
N GLY D 16 28.86 -23.28 41.29
CA GLY D 16 29.23 -21.95 40.85
C GLY D 16 28.31 -21.41 39.77
N SER D 17 28.86 -20.52 38.95
CA SER D 17 28.08 -19.90 37.88
C SER D 17 29.00 -19.51 36.74
N ARG D 18 28.40 -19.35 35.55
CA ARG D 18 29.13 -18.95 34.36
C ARG D 18 28.13 -18.41 33.34
N LYS D 19 28.66 -17.83 32.27
CA LYS D 19 27.83 -17.27 31.21
C LYS D 19 28.47 -17.56 29.85
N LEU D 20 27.63 -17.97 28.91
CA LEU D 20 28.06 -18.27 27.55
C LEU D 20 27.46 -17.25 26.59
N SER D 21 28.23 -16.91 25.55
CA SER D 21 27.82 -15.93 24.56
C SER D 21 27.95 -16.50 23.16
N CYS D 22 27.08 -16.03 22.27
CA CYS D 22 26.97 -16.54 20.90
C CYS D 22 26.81 -15.32 19.99
N SER D 23 27.87 -14.97 19.28
CA SER D 23 27.90 -13.77 18.44
C SER D 23 27.68 -14.15 16.98
N ALA D 24 26.70 -13.52 16.34
CA ALA D 24 26.36 -13.81 14.96
C ALA D 24 26.88 -12.72 14.05
N SER D 25 27.12 -13.10 12.79
CA SER D 25 27.58 -12.13 11.80
C SER D 25 27.30 -12.70 10.41
N GLY D 26 26.58 -11.93 9.59
CA GLY D 26 26.34 -12.32 8.22
C GLY D 26 24.89 -12.35 7.81
N PHE D 27 23.99 -12.06 8.74
CA PHE D 27 22.57 -12.12 8.45
C PHE D 27 21.81 -11.18 9.40
N ALA D 28 20.53 -10.97 9.09
CA ALA D 28 19.69 -10.11 9.90
C ALA D 28 19.33 -10.79 11.22
N PHE D 29 20.11 -10.52 12.26
CA PHE D 29 19.97 -11.24 13.52
C PHE D 29 18.61 -11.00 14.17
N SER D 30 18.11 -9.77 14.09
CA SER D 30 16.93 -9.39 14.86
C SER D 30 15.64 -10.01 14.33
N SER D 31 15.67 -10.67 13.18
CA SER D 31 14.47 -11.26 12.60
C SER D 31 14.40 -12.77 12.81
N PHE D 32 15.29 -13.34 13.60
CA PHE D 32 15.33 -14.78 13.81
C PHE D 32 15.09 -15.11 15.28
N GLY D 33 14.53 -16.29 15.51
CA GLY D 33 14.44 -16.86 16.85
C GLY D 33 15.60 -17.80 17.09
N MET D 34 16.03 -17.88 18.34
CA MET D 34 17.25 -18.59 18.68
C MET D 34 16.96 -19.71 19.66
N HIS D 35 17.70 -20.81 19.53
CA HIS D 35 17.58 -21.96 20.42
C HIS D 35 18.95 -22.29 20.98
N TRP D 36 18.97 -22.84 22.17
CA TRP D 36 20.16 -23.44 22.76
C TRP D 36 19.94 -24.94 22.85
N VAL D 37 20.88 -25.70 22.30
CA VAL D 37 20.80 -27.15 22.24
C VAL D 37 22.07 -27.71 22.84
N ARG D 38 21.92 -28.73 23.69
CA ARG D 38 23.03 -29.30 24.42
C ARG D 38 23.22 -30.75 23.98
N GLN D 39 24.43 -31.25 24.21
CA GLN D 39 24.77 -32.61 23.84
C GLN D 39 25.42 -33.18 25.10
N ALA D 40 26.05 -34.34 25.05
CA ALA D 40 26.70 -34.94 26.20
C ALA D 40 27.97 -35.62 25.69
N PRO D 41 28.92 -35.93 26.59
CA PRO D 41 30.20 -36.47 26.10
C PRO D 41 30.04 -37.73 25.29
N GLU D 42 28.99 -38.51 25.56
CA GLU D 42 28.72 -39.75 24.85
C GLU D 42 27.25 -39.95 24.50
N LYS D 43 26.33 -39.27 25.17
CA LYS D 43 24.90 -39.45 24.97
C LYS D 43 24.41 -38.56 23.83
N GLY D 44 23.09 -38.50 23.65
CA GLY D 44 22.47 -37.81 22.55
C GLY D 44 22.24 -36.34 22.87
N LEU D 45 21.48 -35.69 22.00
CA LEU D 45 21.22 -34.26 22.14
C LEU D 45 19.97 -34.03 22.99
N GLU D 46 19.93 -32.88 23.67
CA GLU D 46 18.76 -32.51 24.45
C GLU D 46 18.52 -31.01 24.35
N TRP D 47 17.28 -30.64 24.01
CA TRP D 47 16.91 -29.23 23.86
C TRP D 47 16.94 -28.53 25.21
N VAL D 48 17.37 -27.27 25.23
CA VAL D 48 17.51 -26.56 26.50
C VAL D 48 16.63 -25.33 26.62
N ALA D 49 16.79 -24.34 25.74
CA ALA D 49 16.06 -23.10 25.90
C ALA D 49 15.79 -22.48 24.54
N TYR D 50 14.81 -21.59 24.51
CA TYR D 50 14.41 -20.94 23.26
C TYR D 50 13.97 -19.51 23.52
N ILE D 51 14.50 -18.59 22.74
CA ILE D 51 14.08 -17.18 22.78
C ILE D 51 13.60 -16.76 21.40
N SER D 52 12.48 -16.04 21.38
CA SER D 52 11.82 -15.68 20.14
C SER D 52 12.49 -14.45 19.54
N SER D 53 11.90 -13.91 18.48
CA SER D 53 12.33 -12.64 17.92
C SER D 53 11.48 -11.55 18.56
N GLY D 54 12.14 -10.53 19.10
CA GLY D 54 11.47 -9.57 19.94
C GLY D 54 11.34 -9.97 21.39
N SER D 55 11.84 -11.14 21.78
CA SER D 55 11.90 -11.58 23.18
C SER D 55 10.51 -11.64 23.82
N GLY D 56 9.52 -12.08 23.06
CA GLY D 56 8.17 -12.12 23.60
C GLY D 56 7.70 -13.46 24.12
N THR D 57 8.48 -14.52 23.92
CA THR D 57 8.12 -15.86 24.36
C THR D 57 9.40 -16.57 24.76
N ILE D 58 9.38 -17.21 25.93
CA ILE D 58 10.56 -17.88 26.46
C ILE D 58 10.13 -19.26 26.95
N TYR D 59 10.90 -20.28 26.59
CA TYR D 59 10.67 -21.62 27.08
C TYR D 59 11.97 -22.20 27.61
N TYR D 60 11.85 -23.09 28.60
CA TYR D 60 12.99 -23.76 29.20
C TYR D 60 12.71 -25.26 29.28
N ALA D 61 13.77 -26.05 29.29
CA ALA D 61 13.60 -27.47 29.45
C ALA D 61 13.15 -27.77 30.88
N ASP D 62 12.66 -28.99 31.08
CA ASP D 62 12.07 -29.34 32.37
C ASP D 62 13.10 -29.48 33.47
N THR D 63 14.38 -29.60 33.15
CA THR D 63 15.39 -29.87 34.17
C THR D 63 16.24 -28.64 34.46
N VAL D 64 16.02 -27.54 33.75
CA VAL D 64 16.86 -26.36 33.93
C VAL D 64 15.98 -25.15 34.20
N LYS D 65 14.69 -25.39 34.39
CA LYS D 65 13.78 -24.30 34.73
C LYS D 65 14.07 -23.74 36.12
N GLY D 66 14.08 -22.42 36.22
CA GLY D 66 14.36 -21.72 37.46
C GLY D 66 15.81 -21.52 37.81
N ARG D 67 16.74 -22.05 37.02
CA ARG D 67 18.16 -21.85 37.25
C ARG D 67 18.83 -21.09 36.11
N PHE D 68 18.50 -21.40 34.86
CA PHE D 68 19.14 -20.80 33.71
C PHE D 68 18.27 -19.65 33.22
N THR D 69 18.91 -18.70 32.52
CA THR D 69 18.20 -17.55 31.95
C THR D 69 18.79 -17.20 30.61
N ILE D 70 17.92 -16.96 29.63
CA ILE D 70 18.32 -16.65 28.26
C ILE D 70 17.93 -15.20 27.96
N SER D 71 18.75 -14.55 27.14
CA SER D 71 18.50 -13.16 26.76
C SER D 71 19.21 -12.87 25.44
N ARG D 72 18.84 -11.76 24.83
CA ARG D 72 19.51 -11.30 23.62
C ARG D 72 19.71 -9.81 23.65
N ASP D 73 20.73 -9.35 22.93
CA ASP D 73 21.03 -7.92 22.77
C ASP D 73 21.09 -7.65 21.27
N ASP D 74 20.02 -7.09 20.72
CA ASP D 74 19.92 -6.95 19.26
C ASP D 74 20.94 -5.99 18.66
N PRO D 75 21.16 -4.77 19.20
CA PRO D 75 22.12 -3.86 18.54
C PRO D 75 23.54 -4.38 18.42
N LYS D 76 24.03 -5.16 19.39
CA LYS D 76 25.37 -5.71 19.31
C LYS D 76 25.42 -7.11 18.70
N ASN D 77 24.28 -7.68 18.33
CA ASN D 77 24.18 -9.01 17.72
C ASN D 77 24.82 -10.06 18.62
N THR D 78 24.27 -10.20 19.83
CA THR D 78 24.80 -11.14 20.80
C THR D 78 23.68 -11.88 21.47
N LEU D 79 23.92 -13.15 21.79
CA LEU D 79 22.99 -13.99 22.54
C LEU D 79 23.68 -14.47 23.81
N PHE D 80 22.97 -14.36 24.93
CA PHE D 80 23.55 -14.66 26.24
C PHE D 80 22.79 -15.77 26.94
N LEU D 81 23.51 -16.57 27.71
CA LEU D 81 22.93 -17.57 28.59
C LEU D 81 23.60 -17.46 29.94
N GLN D 82 22.82 -17.19 30.99
CA GLN D 82 23.34 -17.07 32.36
C GLN D 82 23.02 -18.35 33.10
N MET D 83 24.05 -19.00 33.65
CA MET D 83 23.93 -20.34 34.24
C MET D 83 24.32 -20.27 35.71
N THR D 84 23.40 -20.70 36.58
CA THR D 84 23.61 -20.64 38.02
C THR D 84 23.38 -22.00 38.67
N SER D 85 24.13 -22.27 39.74
CA SER D 85 24.05 -23.51 40.52
C SER D 85 24.30 -24.74 39.63
N LEU D 86 25.51 -24.83 39.12
CA LEU D 86 25.86 -25.85 38.15
C LEU D 86 26.00 -27.22 38.81
N ARG D 87 25.12 -28.14 38.45
CA ARG D 87 25.18 -29.53 38.90
C ARG D 87 26.13 -30.34 38.03
N SER D 88 26.60 -31.45 38.58
CA SER D 88 27.58 -32.29 37.90
C SER D 88 27.05 -32.95 36.64
N GLU D 89 25.75 -32.93 36.41
CA GLU D 89 25.15 -33.50 35.20
C GLU D 89 25.12 -32.52 34.03
N ASP D 90 25.66 -31.32 34.19
CA ASP D 90 25.68 -30.33 33.12
C ASP D 90 26.96 -30.31 32.31
N THR D 91 27.88 -31.25 32.53
CA THR D 91 29.10 -31.31 31.73
C THR D 91 28.73 -31.71 30.30
N ALA D 92 28.93 -30.78 29.36
CA ALA D 92 28.44 -31.01 28.01
C ALA D 92 29.12 -30.08 27.02
N MET D 93 28.62 -30.09 25.79
CA MET D 93 29.01 -29.16 24.73
C MET D 93 27.75 -28.48 24.20
N TYR D 94 27.75 -27.15 24.17
CA TYR D 94 26.55 -26.37 23.88
C TYR D 94 26.59 -25.79 22.47
N TYR D 95 25.46 -25.86 21.76
CA TYR D 95 25.36 -25.33 20.40
C TYR D 95 24.30 -24.26 20.29
N CYS D 96 24.48 -23.36 19.33
CA CYS D 96 23.64 -22.19 19.11
C CYS D 96 23.04 -22.30 17.71
N VAL D 97 21.73 -22.44 17.62
CA VAL D 97 21.06 -22.75 16.35
C VAL D 97 20.06 -21.67 16.04
N ARG D 98 19.91 -21.36 14.75
CA ARG D 98 18.97 -20.34 14.30
C ARG D 98 17.79 -20.99 13.60
N SER D 99 16.62 -20.37 13.74
CA SER D 99 15.43 -20.86 13.06
C SER D 99 14.45 -19.72 12.87
N ILE D 100 13.73 -19.78 11.75
CA ILE D 100 12.74 -18.77 11.38
C ILE D 100 11.47 -19.49 10.97
N TYR D 101 10.32 -18.93 11.33
CA TYR D 101 9.04 -19.62 11.17
C TYR D 101 8.09 -18.76 10.34
N TYR D 102 7.77 -19.24 9.14
CA TYR D 102 6.64 -18.75 8.35
C TYR D 102 6.27 -19.87 7.39
N TYR D 103 5.31 -19.58 6.51
CA TYR D 103 4.81 -20.62 5.61
C TYR D 103 5.87 -20.95 4.59
N GLY D 104 6.48 -22.12 4.73
CA GLY D 104 7.49 -22.59 3.79
C GLY D 104 8.92 -22.44 4.23
N SER D 105 9.17 -22.05 5.48
CA SER D 105 10.53 -21.83 5.94
C SER D 105 11.17 -23.16 6.33
N SER D 106 12.45 -23.11 6.70
CA SER D 106 13.22 -24.30 7.09
C SER D 106 13.94 -24.01 8.39
N PRO D 107 13.32 -24.34 9.52
CA PRO D 107 13.97 -24.12 10.81
C PRO D 107 15.17 -25.01 11.04
N PHE D 108 16.00 -24.62 12.01
CA PHE D 108 17.14 -25.40 12.47
C PHE D 108 18.19 -25.61 11.37
N ASP D 109 18.37 -24.61 10.52
CA ASP D 109 19.19 -24.82 9.33
C ASP D 109 20.68 -24.60 9.54
N PHE D 110 21.11 -23.70 10.41
CA PHE D 110 22.53 -23.49 10.68
C PHE D 110 22.81 -23.72 12.16
N TRP D 111 23.85 -24.48 12.46
CA TRP D 111 24.19 -24.81 13.85
C TRP D 111 25.46 -24.17 14.39
N GLY D 112 26.43 -23.81 13.55
CA GLY D 112 27.62 -23.19 14.10
C GLY D 112 28.47 -24.18 14.89
N GLN D 113 29.36 -23.63 15.72
CA GLN D 113 30.23 -24.46 16.53
C GLN D 113 29.75 -24.51 17.97
N GLY D 114 30.44 -25.33 18.77
CA GLY D 114 30.17 -25.45 20.19
C GLY D 114 31.27 -24.92 21.10
N THR D 115 30.91 -24.85 22.38
CA THR D 115 31.83 -24.51 23.46
C THR D 115 31.72 -25.56 24.55
N THR D 116 32.84 -25.88 25.19
CA THR D 116 32.91 -26.99 26.12
C THR D 116 32.86 -26.47 27.55
N LEU D 117 31.90 -26.97 28.32
CA LEU D 117 31.76 -26.65 29.74
C LEU D 117 32.00 -27.90 30.56
N THR D 118 32.86 -27.80 31.56
CA THR D 118 33.29 -28.95 32.36
C THR D 118 33.00 -28.61 33.81
N VAL D 119 31.79 -28.94 34.25
CA VAL D 119 31.37 -28.76 35.64
C VAL D 119 32.00 -29.75 36.60
N SER D 120 32.73 -30.74 36.13
CA SER D 120 33.21 -31.79 37.02
C SER D 120 34.32 -31.24 37.93
N SER D 121 34.86 -32.13 38.76
CA SER D 121 35.92 -31.75 39.68
C SER D 121 37.20 -31.41 38.92
N SER D 136 4.11 -36.69 30.04
CA SER D 136 3.36 -35.95 29.04
C SER D 136 4.20 -35.67 27.81
N ASP D 137 5.52 -35.82 27.96
CA ASP D 137 6.43 -35.58 26.85
C ASP D 137 6.35 -36.71 25.82
N ILE D 138 6.54 -36.36 24.56
CA ILE D 138 6.55 -37.34 23.48
C ILE D 138 7.87 -38.07 23.49
N VAL D 139 7.82 -39.39 23.30
CA VAL D 139 9.00 -40.25 23.33
C VAL D 139 9.29 -40.72 21.92
N MET D 140 10.53 -40.52 21.48
CA MET D 140 10.97 -40.93 20.16
C MET D 140 12.04 -42.00 20.29
N THR D 141 11.84 -43.14 19.64
CA THR D 141 12.76 -44.27 19.77
C THR D 141 13.33 -44.54 18.40
N GLN D 142 14.66 -44.73 18.33
CA GLN D 142 15.32 -44.82 17.03
C GLN D 142 16.15 -46.09 16.86
N ALA D 143 15.87 -47.15 17.62
CA ALA D 143 16.51 -48.45 17.42
C ALA D 143 18.04 -48.33 17.34
N THR D 144 18.60 -47.63 18.34
CA THR D 144 20.04 -47.31 18.33
C THR D 144 20.94 -48.53 18.29
N SER D 145 21.61 -48.72 17.16
CA SER D 145 22.63 -49.74 16.98
C SER D 145 23.46 -49.35 15.77
N SER D 146 24.60 -50.00 15.62
CA SER D 146 25.44 -49.80 14.45
C SER D 146 24.99 -50.75 13.34
N VAL D 147 24.67 -50.19 12.17
CA VAL D 147 24.32 -50.97 11.00
C VAL D 147 25.48 -50.89 10.02
N PRO D 148 26.24 -51.97 9.80
CA PRO D 148 27.38 -51.90 8.89
C PRO D 148 26.92 -51.66 7.46
N VAL D 149 27.73 -50.90 6.71
CA VAL D 149 27.42 -50.55 5.34
C VAL D 149 28.67 -50.72 4.49
N THR D 150 28.47 -50.85 3.19
CA THR D 150 29.54 -50.85 2.20
C THR D 150 29.18 -49.85 1.10
N PRO D 151 30.18 -49.18 0.53
CA PRO D 151 29.87 -48.17 -0.50
C PRO D 151 29.27 -48.79 -1.75
N GLY D 152 28.11 -48.24 -2.16
CA GLY D 152 27.44 -48.67 -3.38
C GLY D 152 26.01 -49.13 -3.15
N GLU D 153 25.72 -49.66 -1.97
CA GLU D 153 24.42 -50.23 -1.68
C GLU D 153 23.48 -49.16 -1.14
N SER D 154 22.30 -49.58 -0.67
CA SER D 154 21.27 -48.67 -0.19
C SER D 154 20.82 -49.13 1.19
N VAL D 155 20.48 -48.16 2.05
CA VAL D 155 20.13 -48.44 3.43
C VAL D 155 18.88 -47.65 3.82
N SER D 156 18.25 -48.11 4.89
CA SER D 156 17.06 -47.49 5.45
C SER D 156 17.23 -47.33 6.96
N ILE D 157 16.61 -46.28 7.49
CA ILE D 157 16.72 -45.92 8.91
C ILE D 157 15.32 -45.66 9.42
N SER D 158 15.00 -46.20 10.59
CA SER D 158 13.64 -46.13 11.14
C SER D 158 13.64 -45.32 12.42
N CYS D 159 12.50 -44.68 12.69
CA CYS D 159 12.33 -43.86 13.88
C CYS D 159 10.83 -43.79 14.15
N ARG D 160 10.39 -44.55 15.15
CA ARG D 160 8.97 -44.65 15.50
C ARG D 160 8.64 -43.74 16.67
N SER D 161 7.45 -43.14 16.63
CA SER D 161 7.01 -42.20 17.65
C SER D 161 5.98 -42.85 18.58
N SER D 162 5.70 -42.16 19.69
CA SER D 162 4.68 -42.64 20.62
C SER D 162 3.31 -42.04 20.36
N LYS D 163 3.24 -40.76 20.06
CA LYS D 163 1.99 -40.07 19.74
C LYS D 163 2.04 -39.62 18.29
N SER D 164 0.89 -39.68 17.61
CA SER D 164 0.84 -39.32 16.20
C SER D 164 1.26 -37.88 16.00
N LEU D 165 2.14 -37.66 15.04
CA LEU D 165 2.70 -36.34 14.76
C LEU D 165 1.93 -35.57 13.70
N LEU D 166 0.85 -36.13 13.18
CA LEU D 166 0.09 -35.45 12.12
C LEU D 166 -0.89 -34.48 12.76
N HIS D 167 -0.74 -33.20 12.46
CA HIS D 167 -1.66 -32.20 12.97
C HIS D 167 -2.91 -32.15 12.10
N SER D 168 -3.89 -31.35 12.52
CA SER D 168 -5.13 -31.24 11.79
C SER D 168 -5.04 -30.35 10.56
N ASN D 169 -3.97 -29.58 10.41
CA ASN D 169 -3.80 -28.72 9.26
C ASN D 169 -3.02 -29.39 8.12
N GLY D 170 -2.69 -30.66 8.27
CA GLY D 170 -2.09 -31.45 7.23
C GLY D 170 -0.59 -31.68 7.35
N ASN D 171 0.10 -30.90 8.20
CA ASN D 171 1.53 -31.04 8.33
C ASN D 171 1.88 -32.08 9.38
N THR D 172 2.99 -32.78 9.16
CA THR D 172 3.56 -33.70 10.13
C THR D 172 4.98 -33.25 10.44
N TYR D 173 5.24 -32.96 11.71
CA TYR D 173 6.46 -32.26 12.12
C TYR D 173 7.54 -33.27 12.53
N LEU D 174 8.34 -33.71 11.57
CA LEU D 174 9.49 -34.55 11.85
C LEU D 174 10.71 -34.04 11.10
N TYR D 175 11.86 -34.01 11.79
CA TYR D 175 13.11 -33.49 11.26
C TYR D 175 14.21 -34.54 11.37
N TRP D 176 15.10 -34.56 10.39
CA TRP D 176 16.23 -35.49 10.35
C TRP D 176 17.53 -34.72 10.29
N PHE D 177 18.52 -35.13 11.09
CA PHE D 177 19.82 -34.46 11.15
C PHE D 177 20.96 -35.46 10.98
N LEU D 178 22.09 -34.96 10.45
CA LEU D 178 23.29 -35.76 10.23
C LEU D 178 24.46 -35.04 10.88
N GLN D 179 25.23 -35.78 11.69
CA GLN D 179 26.44 -35.27 12.32
C GLN D 179 27.64 -36.10 11.91
N ARG D 180 28.50 -35.54 11.07
CA ARG D 180 29.74 -36.21 10.74
C ARG D 180 30.70 -36.16 11.93
N PRO D 181 31.66 -37.08 12.00
CA PRO D 181 32.57 -37.11 13.15
C PRO D 181 33.35 -35.81 13.31
N GLY D 182 33.28 -35.23 14.51
CA GLY D 182 34.02 -34.03 14.82
C GLY D 182 33.59 -32.80 14.06
N GLN D 183 32.30 -32.65 13.78
CA GLN D 183 31.75 -31.49 13.08
C GLN D 183 30.43 -31.13 13.75
N SER D 184 29.75 -30.19 13.19
CA SER D 184 28.48 -29.74 13.70
C SER D 184 27.33 -30.34 12.89
N PRO D 185 26.16 -30.52 13.51
CA PRO D 185 25.05 -31.20 12.82
C PRO D 185 24.54 -30.38 11.63
N GLN D 186 23.91 -31.09 10.71
CA GLN D 186 23.43 -30.52 9.45
C GLN D 186 21.99 -30.94 9.19
N LEU D 187 21.17 -30.00 8.76
CA LEU D 187 19.78 -30.30 8.44
C LEU D 187 19.69 -31.04 7.11
N LEU D 188 18.89 -32.10 7.08
CA LEU D 188 18.67 -32.83 5.82
C LEU D 188 17.23 -32.77 5.34
N ILE D 189 16.27 -33.22 6.15
CA ILE D 189 14.87 -33.32 5.74
C ILE D 189 14.00 -32.67 6.81
N TYR D 190 13.05 -31.85 6.37
CA TYR D 190 12.08 -31.28 7.30
C TYR D 190 10.67 -31.61 6.82
N ARG D 191 9.83 -32.03 7.76
CA ARG D 191 8.45 -32.47 7.50
C ARG D 191 8.41 -33.61 6.49
N MET D 192 9.38 -34.52 6.62
CA MET D 192 9.40 -35.88 6.06
C MET D 192 9.61 -35.95 4.56
N SER D 193 9.51 -34.84 3.85
CA SER D 193 9.68 -34.92 2.40
C SER D 193 10.52 -33.81 1.80
N ASN D 194 10.64 -32.66 2.43
CA ASN D 194 11.22 -31.51 1.74
C ASN D 194 12.72 -31.57 1.93
N LEU D 195 13.44 -31.40 0.82
CA LEU D 195 14.88 -31.51 0.81
C LEU D 195 15.51 -30.15 1.10
N ALA D 196 16.48 -30.12 2.02
CA ALA D 196 17.05 -28.85 2.42
C ALA D 196 17.91 -28.29 1.29
N SER D 197 18.26 -27.01 1.41
CA SER D 197 19.05 -26.36 0.38
C SER D 197 20.51 -26.81 0.45
N GLY D 198 21.06 -27.17 -0.71
CA GLY D 198 22.43 -27.63 -0.78
C GLY D 198 22.63 -29.09 -0.48
N VAL D 199 21.57 -29.87 -0.34
CA VAL D 199 21.64 -31.29 -0.02
C VAL D 199 21.42 -32.08 -1.31
N PRO D 200 22.27 -33.06 -1.61
CA PRO D 200 22.08 -33.84 -2.84
C PRO D 200 20.77 -34.62 -2.81
N ASP D 201 20.22 -34.83 -4.00
CA ASP D 201 18.88 -35.41 -4.17
C ASP D 201 18.85 -36.92 -3.95
N ARG D 202 19.89 -37.48 -3.36
CA ARG D 202 19.97 -38.90 -3.06
C ARG D 202 19.18 -39.31 -1.82
N PHE D 203 18.69 -38.35 -1.04
CA PHE D 203 17.98 -38.65 0.20
C PHE D 203 16.48 -38.53 -0.02
N SER D 204 15.74 -39.53 0.44
CA SER D 204 14.29 -39.53 0.34
C SER D 204 13.68 -39.87 1.69
N GLY D 205 12.53 -39.28 1.95
CA GLY D 205 11.82 -39.50 3.21
C GLY D 205 10.35 -39.77 2.99
N SER D 206 9.83 -40.77 3.71
CA SER D 206 8.44 -41.14 3.57
C SER D 206 7.96 -41.71 4.91
N GLY D 207 6.75 -42.25 4.91
CA GLY D 207 6.20 -42.86 6.10
C GLY D 207 4.87 -42.27 6.55
N SER D 208 4.09 -43.06 7.26
CA SER D 208 2.82 -42.63 7.81
C SER D 208 3.00 -42.18 9.27
N GLY D 209 1.88 -41.81 9.89
CA GLY D 209 1.93 -41.42 11.30
C GLY D 209 2.45 -42.52 12.19
N THR D 210 3.32 -42.14 13.13
CA THR D 210 3.99 -43.03 14.08
C THR D 210 4.83 -44.12 13.42
N ALA D 211 5.27 -43.94 12.17
CA ALA D 211 6.22 -44.87 11.56
C ALA D 211 6.90 -44.16 10.41
N PHE D 212 8.20 -43.90 10.54
CA PHE D 212 8.90 -43.07 9.58
C PHE D 212 10.18 -43.75 9.13
N THR D 213 10.59 -43.43 7.91
CA THR D 213 11.75 -44.07 7.30
C THR D 213 12.55 -43.05 6.49
N LEU D 214 13.87 -43.14 6.58
CA LEU D 214 14.77 -42.38 5.73
C LEU D 214 15.52 -43.36 4.84
N THR D 215 15.51 -43.11 3.53
CA THR D 215 16.11 -44.01 2.55
C THR D 215 17.25 -43.30 1.83
N ILE D 216 18.40 -43.95 1.78
CA ILE D 216 19.57 -43.46 1.05
C ILE D 216 19.87 -44.47 -0.04
N SER D 217 19.87 -44.02 -1.29
CA SER D 217 20.18 -44.89 -2.43
C SER D 217 21.50 -44.47 -3.06
N ARG D 218 22.28 -45.47 -3.48
CA ARG D 218 23.61 -45.28 -4.06
C ARG D 218 24.47 -44.47 -3.09
N LEU D 219 24.71 -45.07 -1.93
CA LEU D 219 25.44 -44.38 -0.88
C LEU D 219 26.88 -44.09 -1.29
N GLU D 220 27.26 -42.82 -1.18
CA GLU D 220 28.58 -42.31 -1.54
C GLU D 220 29.45 -42.25 -0.29
N ALA D 221 30.58 -41.56 -0.41
CA ALA D 221 31.53 -41.45 0.69
C ALA D 221 31.26 -40.16 1.44
N GLU D 222 31.92 -40.03 2.59
CA GLU D 222 31.86 -38.87 3.48
C GLU D 222 30.51 -38.73 4.17
N ASP D 223 29.64 -39.74 4.04
CA ASP D 223 28.29 -39.72 4.61
C ASP D 223 28.21 -40.62 5.84
N VAL D 224 29.34 -40.98 6.41
CA VAL D 224 29.39 -41.78 7.62
C VAL D 224 29.23 -40.86 8.84
N GLY D 225 28.54 -41.35 9.85
CA GLY D 225 28.22 -40.54 11.00
C GLY D 225 26.98 -41.06 11.70
N VAL D 226 26.35 -40.18 12.47
CA VAL D 226 25.18 -40.51 13.29
C VAL D 226 24.00 -39.69 12.82
N TYR D 227 22.84 -40.34 12.70
CA TYR D 227 21.61 -39.73 12.22
C TYR D 227 20.62 -39.61 13.37
N TYR D 228 19.99 -38.45 13.50
CA TYR D 228 19.05 -38.17 14.57
C TYR D 228 17.70 -37.77 13.99
N CYS D 229 16.63 -38.19 14.64
CA CYS D 229 15.29 -37.78 14.29
C CYS D 229 14.71 -36.92 15.40
N MET D 230 14.03 -35.85 15.02
CA MET D 230 13.50 -34.88 15.97
C MET D 230 12.05 -34.57 15.63
N GLN D 231 11.26 -34.28 16.66
CA GLN D 231 9.87 -33.86 16.50
C GLN D 231 9.71 -32.41 16.91
N HIS D 232 8.89 -31.67 16.17
CA HIS D 232 8.60 -30.28 16.48
C HIS D 232 7.12 -30.04 16.68
N LEU D 233 6.38 -31.03 17.16
CA LEU D 233 4.94 -30.87 17.31
C LEU D 233 4.58 -29.97 18.49
N GLU D 234 5.26 -30.14 19.63
CA GLU D 234 4.93 -29.36 20.82
C GLU D 234 6.11 -29.36 21.78
N TYR D 235 6.25 -28.24 22.50
CA TYR D 235 7.34 -28.07 23.45
C TYR D 235 7.11 -28.88 24.72
N PRO D 236 8.18 -29.42 25.33
CA PRO D 236 9.58 -29.34 24.91
C PRO D 236 9.93 -30.28 23.77
N LEU D 237 10.86 -29.85 22.91
CA LEU D 237 11.27 -30.65 21.77
C LEU D 237 12.11 -31.83 22.24
N THR D 238 11.93 -32.97 21.61
CA THR D 238 12.53 -34.21 22.06
C THR D 238 13.24 -34.87 20.89
N PHE D 239 14.44 -35.40 21.16
CA PHE D 239 15.23 -36.04 20.14
C PHE D 239 15.14 -37.56 20.29
N GLY D 240 15.79 -38.27 19.39
CA GLY D 240 15.94 -39.70 19.49
C GLY D 240 17.33 -40.10 19.96
N ALA D 241 17.48 -41.39 20.20
CA ALA D 241 18.73 -41.91 20.74
C ALA D 241 19.87 -41.82 19.73
N GLY D 242 19.57 -41.76 18.44
CA GLY D 242 20.60 -41.61 17.45
C GLY D 242 21.10 -42.95 16.96
N THR D 243 21.13 -43.14 15.65
CA THR D 243 21.57 -44.39 15.04
C THR D 243 22.88 -44.15 14.31
N LYS D 244 23.76 -45.14 14.35
CA LYS D 244 25.13 -44.99 13.89
C LYS D 244 25.31 -45.78 12.60
N LEU D 245 25.90 -45.14 11.59
CA LEU D 245 26.30 -45.81 10.36
C LEU D 245 27.82 -45.90 10.32
N GLU D 246 28.33 -47.11 10.08
CA GLU D 246 29.77 -47.33 10.00
C GLU D 246 30.04 -48.36 8.92
N LEU D 247 31.22 -48.26 8.32
CA LEU D 247 31.60 -49.17 7.24
C LEU D 247 31.91 -50.54 7.83
N GLU E 32 -45.20 3.57 49.39
CA GLU E 32 -44.54 4.08 50.58
C GLU E 32 -43.02 4.00 50.44
N ILE E 33 -42.49 4.76 49.48
CA ILE E 33 -41.05 4.83 49.26
C ILE E 33 -40.72 6.20 48.71
N TYR E 34 -39.51 6.68 49.01
CA TYR E 34 -39.00 8.01 48.66
C TYR E 34 -39.85 9.13 49.26
N GLN E 35 -40.82 8.79 50.11
CA GLN E 35 -41.80 9.76 50.60
C GLN E 35 -41.15 10.83 51.46
N LEU E 36 -40.28 10.43 52.37
CA LEU E 36 -39.72 11.34 53.36
C LEU E 36 -38.94 12.49 52.71
N PHE E 37 -38.09 12.19 51.73
CA PHE E 37 -37.45 13.28 51.00
C PHE E 37 -38.48 14.07 50.21
N GLU E 38 -39.42 13.38 49.57
CA GLU E 38 -40.43 14.05 48.74
C GLU E 38 -41.33 14.94 49.58
N TYR E 39 -41.71 14.46 50.77
CA TYR E 39 -42.56 15.20 51.69
C TYR E 39 -41.89 16.47 52.21
N THR E 40 -40.59 16.44 52.50
CA THR E 40 -39.99 17.62 53.09
C THR E 40 -39.58 18.69 52.09
N ARG E 41 -40.09 18.63 50.85
CA ARG E 41 -39.98 19.65 49.81
C ARG E 41 -38.75 20.56 49.87
N LEU E 42 -37.54 20.03 49.73
CA LEU E 42 -36.37 20.89 49.84
C LEU E 42 -35.29 20.51 48.85
N GLY E 43 -35.01 21.44 47.95
CA GLY E 43 -34.01 21.36 46.89
C GLY E 43 -34.21 20.31 45.83
N VAL E 44 -35.40 19.73 45.68
CA VAL E 44 -35.58 18.81 44.57
C VAL E 44 -35.65 19.58 43.24
N TRP E 45 -36.06 20.85 43.30
CA TRP E 45 -36.06 21.73 42.13
C TRP E 45 -34.64 22.07 41.67
N LEU E 46 -33.69 22.12 42.60
CA LEU E 46 -32.29 22.35 42.22
C LEU E 46 -31.71 21.23 41.38
N MET E 47 -32.03 19.97 41.71
CA MET E 47 -31.58 18.87 40.87
C MET E 47 -32.19 18.95 39.47
N CYS E 48 -33.49 19.24 39.38
CA CYS E 48 -34.13 19.40 38.08
C CYS E 48 -33.53 20.53 37.27
N ILE E 49 -33.25 21.66 37.93
CA ILE E 49 -32.67 22.80 37.23
C ILE E 49 -31.27 22.48 36.74
N VAL E 50 -30.43 21.90 37.60
CA VAL E 50 -29.05 21.64 37.21
C VAL E 50 -28.93 20.48 36.24
N GLY E 51 -29.98 19.67 36.11
CA GLY E 51 -29.91 18.56 35.20
C GLY E 51 -30.42 18.99 33.87
N THR E 52 -31.49 19.78 33.82
CA THR E 52 -31.91 20.31 32.54
C THR E 52 -30.86 21.26 31.99
N PHE E 53 -30.19 22.01 32.86
CA PHE E 53 -29.08 22.87 32.42
C PHE E 53 -27.94 22.06 31.84
N LEU E 54 -27.54 20.97 32.52
CA LEU E 54 -26.47 20.12 32.01
C LEU E 54 -26.86 19.51 30.66
N ASN E 55 -28.04 18.90 30.59
CA ASN E 55 -28.50 18.24 29.38
C ASN E 55 -28.59 19.22 28.21
N VAL E 56 -29.19 20.38 28.43
CA VAL E 56 -29.34 21.34 27.35
C VAL E 56 -27.99 21.88 26.91
N LEU E 57 -27.07 22.13 27.86
CA LEU E 57 -25.73 22.57 27.49
C LEU E 57 -25.00 21.55 26.61
N VAL E 58 -24.93 20.30 27.06
CA VAL E 58 -24.26 19.26 26.27
C VAL E 58 -24.94 19.09 24.90
N ILE E 59 -26.29 19.07 24.88
CA ILE E 59 -27.01 18.87 23.62
C ILE E 59 -26.72 20.02 22.66
N THR E 60 -26.71 21.25 23.16
CA THR E 60 -26.44 22.41 22.31
C THR E 60 -25.01 22.35 21.76
N THR E 61 -24.04 22.04 22.63
CA THR E 61 -22.65 22.00 22.20
C THR E 61 -22.44 20.92 21.15
N ILE E 62 -23.07 19.76 21.33
CA ILE E 62 -22.93 18.68 20.35
C ILE E 62 -23.65 19.01 19.05
N LEU E 63 -24.82 19.66 19.13
CA LEU E 63 -25.70 19.81 17.99
C LEU E 63 -25.47 21.08 17.19
N TYR E 64 -24.68 22.02 17.69
CA TYR E 64 -24.54 23.31 17.00
C TYR E 64 -23.27 23.43 16.18
N TYR E 65 -22.38 22.43 16.23
CA TYR E 65 -21.09 22.50 15.55
C TYR E 65 -20.99 21.42 14.47
N ARG E 66 -22.06 21.23 13.70
CA ARG E 66 -22.11 20.22 12.64
C ARG E 66 -21.79 18.83 13.20
N ARG E 67 -22.28 18.57 14.41
CA ARG E 67 -22.04 17.32 15.15
C ARG E 67 -20.57 17.12 15.43
N LYS E 68 -19.84 18.23 15.56
CA LYS E 68 -18.41 18.27 15.87
C LYS E 68 -17.59 17.44 14.88
N LYS E 69 -17.69 17.81 13.60
CA LYS E 69 -17.04 17.15 12.47
C LYS E 69 -17.67 15.82 12.11
N LYS E 70 -18.93 15.59 12.53
CA LYS E 70 -19.65 14.34 12.26
C LYS E 70 -18.87 13.15 12.84
N SER E 71 -18.30 13.35 14.01
CA SER E 71 -17.71 12.27 14.79
C SER E 71 -18.80 11.31 15.27
N PRO E 72 -18.49 10.00 15.35
CA PRO E 72 -19.49 9.02 15.79
C PRO E 72 -19.62 8.95 17.30
N SER E 73 -18.53 9.19 18.03
CA SER E 73 -18.58 9.13 19.49
C SER E 73 -19.47 10.22 20.06
N ASP E 74 -19.56 11.36 19.37
CA ASP E 74 -20.43 12.42 19.83
C ASP E 74 -21.89 11.98 19.77
N THR E 75 -22.24 11.14 18.79
CA THR E 75 -23.60 10.61 18.73
C THR E 75 -23.91 9.81 19.99
N TYR E 76 -22.93 9.00 20.43
CA TYR E 76 -23.12 8.19 21.62
C TYR E 76 -23.28 9.09 22.85
N ILE E 77 -22.44 10.13 22.94
CA ILE E 77 -22.52 11.05 24.08
C ILE E 77 -23.88 11.74 24.09
N CYS E 78 -24.37 12.11 22.90
CA CYS E 78 -25.67 12.76 22.80
C CYS E 78 -26.79 11.83 23.26
N ASN E 79 -26.71 10.55 22.86
CA ASN E 79 -27.72 9.61 23.32
C ASN E 79 -27.66 9.42 24.83
N LEU E 80 -26.44 9.41 25.38
CA LEU E 80 -26.29 9.31 26.83
C LEU E 80 -26.93 10.51 27.51
N ALA E 81 -26.78 11.69 26.91
CA ALA E 81 -27.43 12.88 27.45
C ALA E 81 -28.94 12.76 27.38
N VAL E 82 -29.46 12.26 26.26
CA VAL E 82 -30.90 12.05 26.11
C VAL E 82 -31.39 11.08 27.17
N ALA E 83 -30.53 10.17 27.62
CA ALA E 83 -30.92 9.21 28.64
C ALA E 83 -30.94 9.89 30.00
N ASP E 84 -29.89 10.64 30.32
CA ASP E 84 -29.81 11.26 31.63
C ASP E 84 -30.97 12.23 31.78
N LEU E 85 -31.26 12.99 30.71
CA LEU E 85 -32.39 13.91 30.72
C LEU E 85 -33.69 13.16 30.93
N LEU E 86 -33.86 12.01 30.25
CA LEU E 86 -35.05 11.20 30.45
C LEU E 86 -35.21 10.87 31.93
N ILE E 87 -34.12 10.40 32.55
CA ILE E 87 -34.14 9.98 33.95
C ILE E 87 -34.57 11.13 34.85
N VAL E 88 -33.90 12.28 34.69
CA VAL E 88 -34.20 13.42 35.57
C VAL E 88 -35.63 13.89 35.35
N VAL E 89 -36.08 13.98 34.10
CA VAL E 89 -37.45 14.41 33.82
C VAL E 89 -38.44 13.45 34.48
N GLY E 90 -38.13 12.15 34.44
CA GLY E 90 -39.01 11.16 35.04
C GLY E 90 -39.11 11.24 36.55
N LEU E 91 -37.97 11.41 37.23
CA LEU E 91 -37.96 11.12 38.68
C LEU E 91 -38.71 12.18 39.49
N PRO E 92 -38.38 13.49 39.44
CA PRO E 92 -39.22 14.45 40.18
C PRO E 92 -40.68 14.45 39.74
N PHE E 93 -40.92 14.50 38.42
CA PHE E 93 -42.24 14.81 37.88
C PHE E 93 -43.31 13.85 38.38
N PHE E 94 -43.09 12.54 38.22
CA PHE E 94 -44.08 11.56 38.64
C PHE E 94 -44.36 11.61 40.13
N LEU E 95 -43.31 11.73 40.95
CA LEU E 95 -43.52 11.85 42.39
C LEU E 95 -44.31 13.09 42.74
N GLU E 96 -44.03 14.22 42.08
CA GLU E 96 -44.78 15.44 42.32
C GLU E 96 -46.23 15.30 41.89
N TYR E 97 -46.47 14.57 40.79
CA TYR E 97 -47.83 14.27 40.37
C TYR E 97 -48.57 13.45 41.42
N ALA E 98 -47.89 12.44 41.98
CA ALA E 98 -48.50 11.68 43.07
C ALA E 98 -48.76 12.55 44.28
N LYS E 99 -47.89 13.53 44.54
CA LYS E 99 -48.14 14.51 45.58
C LYS E 99 -49.41 15.30 45.31
N HIS E 100 -49.61 15.71 44.05
CA HIS E 100 -50.80 16.46 43.66
C HIS E 100 -52.00 15.54 43.50
N HIS E 101 -51.84 14.42 42.81
CA HIS E 101 -52.91 13.45 42.63
C HIS E 101 -52.66 12.25 43.55
N PRO E 102 -53.33 12.15 44.70
CA PRO E 102 -53.09 11.06 45.65
C PRO E 102 -54.01 9.87 45.43
N SER E 105 -50.37 5.34 41.53
CA SER E 105 -50.11 4.72 42.82
C SER E 105 -50.05 3.19 42.69
N ARG E 106 -49.26 2.58 43.56
CA ARG E 106 -49.01 1.14 43.56
C ARG E 106 -48.47 0.66 42.21
N GLU E 107 -49.31 -0.04 41.45
CA GLU E 107 -48.87 -0.64 40.19
C GLU E 107 -48.36 0.40 39.20
N VAL E 108 -48.99 1.56 39.16
CA VAL E 108 -48.68 2.55 38.14
C VAL E 108 -47.47 3.39 38.52
N VAL E 109 -47.49 4.01 39.70
CA VAL E 109 -46.41 4.93 40.04
C VAL E 109 -45.09 4.16 40.07
N CYS E 110 -45.11 2.99 40.73
CA CYS E 110 -43.95 2.11 40.76
C CYS E 110 -43.54 1.69 39.35
N SER E 111 -44.50 1.24 38.54
CA SER E 111 -44.20 0.91 37.15
C SER E 111 -43.43 2.02 36.45
N GLY E 112 -43.94 3.25 36.56
CA GLY E 112 -43.30 4.39 35.91
C GLY E 112 -41.90 4.64 36.43
N LEU E 113 -41.74 4.64 37.76
CA LEU E 113 -40.44 4.92 38.35
C LEU E 113 -39.45 3.86 37.89
N ASN E 114 -39.76 2.60 38.21
CA ASN E 114 -38.87 1.49 37.90
C ASN E 114 -38.47 1.56 36.44
N ALA E 115 -39.46 1.64 35.53
CA ALA E 115 -39.22 1.71 34.10
C ALA E 115 -38.18 2.77 33.78
N CYS E 116 -38.44 4.01 34.26
CA CYS E 116 -37.54 5.12 33.97
C CYS E 116 -36.12 4.81 34.43
N PHE E 117 -35.98 4.42 35.70
CA PHE E 117 -34.67 4.12 36.27
C PHE E 117 -33.93 3.07 35.45
N TYR E 118 -34.58 1.92 35.23
CA TYR E 118 -33.93 0.81 34.56
C TYR E 118 -33.56 1.18 33.13
N ILE E 119 -34.46 1.87 32.44
CA ILE E 119 -34.20 2.19 31.03
C ILE E 119 -33.01 3.12 30.96
N CYS E 120 -32.93 4.10 31.88
CA CYS E 120 -31.82 5.03 31.86
C CYS E 120 -30.52 4.30 32.16
N LEU E 121 -30.56 3.38 33.13
CA LEU E 121 -29.39 2.60 33.47
C LEU E 121 -28.87 1.84 32.25
N PHE E 122 -29.77 1.10 31.59
CA PHE E 122 -29.37 0.30 30.44
C PHE E 122 -28.83 1.19 29.33
N ALA E 123 -29.50 2.32 29.07
CA ALA E 123 -29.07 3.22 28.01
C ALA E 123 -27.67 3.73 28.29
N GLY E 124 -27.42 4.17 29.53
CA GLY E 124 -26.11 4.67 29.90
C GLY E 124 -25.05 3.60 29.71
N VAL E 125 -25.33 2.39 30.20
CA VAL E 125 -24.37 1.29 30.08
C VAL E 125 -24.03 1.06 28.62
N CYS E 126 -25.06 1.01 27.77
CA CYS E 126 -24.87 0.71 26.35
C CYS E 126 -24.01 1.79 25.70
N PHE E 127 -24.34 3.06 25.96
CA PHE E 127 -23.59 4.14 25.31
C PHE E 127 -22.15 4.18 25.81
N LEU E 128 -21.94 3.90 27.09
CA LEU E 128 -20.58 3.84 27.63
C LEU E 128 -19.78 2.75 26.94
N ILE E 129 -20.40 1.58 26.77
CA ILE E 129 -19.73 0.47 26.10
C ILE E 129 -19.38 0.85 24.68
N ASN E 130 -20.33 1.48 23.97
CA ASN E 130 -20.06 1.91 22.60
C ASN E 130 -18.89 2.87 22.55
N LEU E 131 -18.85 3.83 23.47
CA LEU E 131 -17.74 4.78 23.47
C LEU E 131 -16.44 4.04 23.70
N SER E 132 -16.44 3.12 24.67
CA SER E 132 -15.24 2.35 24.99
C SER E 132 -14.72 1.70 23.72
N MET E 133 -15.64 1.05 22.99
CA MET E 133 -15.24 0.29 21.81
C MET E 133 -14.67 1.24 20.77
N ASP E 134 -15.30 2.40 20.59
CA ASP E 134 -14.88 3.33 19.55
C ASP E 134 -13.47 3.81 19.82
N ARG E 135 -13.18 4.16 21.07
CA ARG E 135 -11.83 4.58 21.43
C ARG E 135 -10.85 3.43 21.25
N TYR E 136 -11.24 2.22 21.67
CA TYR E 136 -10.32 1.09 21.63
C TYR E 136 -9.94 0.82 20.18
N CYS E 137 -10.93 0.81 19.29
CA CYS E 137 -10.67 0.58 17.87
C CYS E 137 -9.80 1.68 17.31
N VAL E 138 -10.05 2.93 17.74
CA VAL E 138 -9.30 4.06 17.21
C VAL E 138 -7.82 3.89 17.54
N ILE E 139 -7.55 3.49 18.79
CA ILE E 139 -6.17 3.36 19.25
C ILE E 139 -5.49 2.18 18.57
N VAL E 140 -6.11 1.00 18.60
CA VAL E 140 -5.45 -0.20 18.07
C VAL E 140 -5.32 -0.13 16.55
N TRP E 141 -6.37 0.28 15.85
CA TRP E 141 -6.41 0.33 14.41
C TRP E 141 -6.11 1.75 13.92
N GLY E 142 -6.43 2.03 12.67
CA GLY E 142 -6.14 3.33 12.09
C GLY E 142 -7.34 4.06 11.55
N VAL E 143 -7.45 5.34 11.89
CA VAL E 143 -8.50 6.21 11.37
C VAL E 143 -8.06 6.98 10.14
N GLU E 144 -6.82 6.76 9.67
CA GLU E 144 -6.32 7.45 8.48
C GLU E 144 -7.19 7.15 7.26
N LEU E 145 -7.63 5.90 7.13
CA LEU E 145 -8.56 5.54 6.07
C LEU E 145 -9.91 6.21 6.33
N ASN E 146 -10.50 6.78 5.29
CA ASN E 146 -11.74 7.53 5.42
C ASN E 146 -12.93 6.58 5.52
N ARG E 147 -14.00 7.09 6.14
CA ARG E 147 -15.26 6.37 6.28
C ARG E 147 -16.38 7.21 5.69
N VAL E 148 -17.20 6.58 4.86
CA VAL E 148 -18.29 7.24 4.14
C VAL E 148 -19.60 6.78 4.75
N ARG E 149 -20.39 7.73 5.26
CA ARG E 149 -21.70 7.45 5.88
C ARG E 149 -21.59 6.42 7.00
N ASN E 150 -20.48 6.47 7.75
CA ASN E 150 -20.32 5.60 8.91
C ASN E 150 -21.38 5.90 9.96
N ASN E 151 -21.69 7.19 10.17
CA ASN E 151 -22.72 7.56 11.14
C ASN E 151 -24.07 7.00 10.72
N LYS E 152 -24.36 7.02 9.41
CA LYS E 152 -25.66 6.57 8.92
C LYS E 152 -25.87 5.09 9.24
N ARG E 153 -24.83 4.28 9.04
CA ARG E 153 -24.88 2.87 9.39
C ARG E 153 -25.03 2.68 10.90
N ALA E 154 -24.30 3.47 11.70
CA ALA E 154 -24.34 3.30 13.14
C ALA E 154 -25.68 3.72 13.74
N THR E 155 -26.42 4.60 13.05
CA THR E 155 -27.65 5.15 13.63
C THR E 155 -28.63 4.02 13.91
N CYS E 156 -28.74 3.07 12.99
CA CYS E 156 -29.61 1.91 13.21
C CYS E 156 -29.14 1.14 14.42
N TRP E 157 -27.82 0.99 14.58
CA TRP E 157 -27.31 0.24 15.72
C TRP E 157 -27.74 0.93 17.01
N VAL E 158 -27.71 2.27 17.00
CA VAL E 158 -28.07 3.04 18.18
C VAL E 158 -29.54 2.81 18.52
N VAL E 159 -30.40 2.80 17.49
CA VAL E 159 -31.81 2.52 17.75
C VAL E 159 -31.94 1.10 18.28
N ILE E 160 -31.17 0.16 17.72
CA ILE E 160 -31.18 -1.22 18.17
C ILE E 160 -30.93 -1.25 19.66
N PHE E 161 -29.93 -0.47 20.10
CA PHE E 161 -29.60 -0.39 21.52
C PHE E 161 -30.79 0.14 22.30
N TRP E 162 -31.53 1.09 21.71
CA TRP E 162 -32.64 1.68 22.47
C TRP E 162 -33.73 0.63 22.67
N ILE E 163 -33.98 -0.13 21.61
CA ILE E 163 -34.98 -1.20 21.67
C ILE E 163 -34.56 -2.27 22.68
N LEU E 164 -33.27 -2.62 22.67
CA LEU E 164 -32.78 -3.61 23.63
C LEU E 164 -32.92 -3.11 25.06
N ALA E 165 -32.63 -1.83 25.28
CA ALA E 165 -32.78 -1.26 26.62
C ALA E 165 -34.23 -1.29 27.06
N VAL E 166 -35.15 -0.91 26.15
CA VAL E 166 -36.58 -0.91 26.49
C VAL E 166 -37.04 -2.33 26.79
N LEU E 167 -36.54 -3.31 26.03
CA LEU E 167 -36.91 -4.70 26.25
C LEU E 167 -36.43 -5.20 27.60
N MET E 168 -35.15 -4.97 27.92
CA MET E 168 -34.54 -5.44 29.16
C MET E 168 -35.37 -5.07 30.39
N GLY E 169 -36.04 -3.91 30.37
CA GLY E 169 -36.86 -3.46 31.47
C GLY E 169 -38.25 -4.03 31.54
N MET E 170 -38.56 -5.03 30.70
CA MET E 170 -39.93 -5.57 30.63
C MET E 170 -40.51 -6.02 31.96
N PRO E 171 -39.80 -6.79 32.82
CA PRO E 171 -40.47 -7.31 34.03
C PRO E 171 -40.98 -6.22 34.96
N HIS E 172 -40.24 -5.13 35.10
CA HIS E 172 -40.55 -4.12 36.10
C HIS E 172 -41.20 -2.88 35.51
N TYR E 173 -41.25 -2.75 34.18
CA TYR E 173 -41.72 -1.53 33.53
C TYR E 173 -43.19 -1.27 33.83
N VAL E 197 -36.29 -12.57 43.66
CA VAL E 197 -35.01 -11.93 43.97
C VAL E 197 -34.10 -11.98 42.75
N PHE E 198 -34.66 -12.36 41.60
CA PHE E 198 -33.84 -12.53 40.40
C PHE E 198 -33.48 -11.18 39.79
N LEU E 199 -34.50 -10.33 39.55
CA LEU E 199 -34.30 -9.00 39.00
C LEU E 199 -33.15 -8.25 39.69
N ASN E 200 -33.19 -8.17 41.02
CA ASN E 200 -32.20 -7.39 41.76
C ASN E 200 -30.79 -7.93 41.54
N THR E 201 -30.63 -9.25 41.59
CA THR E 201 -29.30 -9.84 41.39
C THR E 201 -28.82 -9.63 39.96
N LYS E 202 -29.74 -9.72 38.99
CA LYS E 202 -29.37 -9.60 37.58
C LYS E 202 -28.82 -8.20 37.29
N VAL E 203 -29.51 -7.16 37.78
CA VAL E 203 -29.02 -5.80 37.62
C VAL E 203 -27.72 -5.61 38.39
N ASN E 204 -27.64 -6.16 39.61
CA ASN E 204 -26.45 -6.00 40.43
C ASN E 204 -25.21 -6.60 39.75
N ILE E 205 -25.42 -7.58 38.88
CA ILE E 205 -24.32 -8.29 38.21
C ILE E 205 -24.03 -7.68 36.86
N CYS E 206 -25.05 -7.49 36.03
CA CYS E 206 -24.90 -7.00 34.68
C CYS E 206 -25.09 -5.48 34.59
N GLY E 207 -24.90 -4.79 35.71
CA GLY E 207 -24.95 -3.34 35.73
C GLY E 207 -23.78 -2.77 36.52
N TYR E 208 -22.99 -3.66 37.12
CA TYR E 208 -21.79 -3.28 37.85
C TYR E 208 -20.55 -3.94 37.28
N LEU E 209 -20.59 -5.26 37.09
CA LEU E 209 -19.37 -5.98 36.69
C LEU E 209 -18.96 -5.63 35.27
N ALA E 210 -19.93 -5.52 34.36
CA ALA E 210 -19.63 -5.25 32.96
C ALA E 210 -18.87 -3.94 32.74
N PRO E 211 -19.29 -2.78 33.29
CA PRO E 211 -18.46 -1.58 33.11
C PRO E 211 -17.08 -1.71 33.72
N ILE E 212 -16.99 -2.22 34.94
CA ILE E 212 -15.72 -2.32 35.65
C ILE E 212 -14.74 -3.25 34.95
N ALA E 213 -15.24 -4.15 34.10
CA ALA E 213 -14.39 -5.00 33.27
C ALA E 213 -14.10 -4.33 31.92
N LEU E 214 -15.13 -3.80 31.27
CA LEU E 214 -14.97 -3.20 29.95
C LEU E 214 -14.07 -1.97 29.99
N MET E 215 -13.84 -1.42 31.17
CA MET E 215 -12.97 -0.27 31.39
C MET E 215 -11.57 -0.68 31.83
N ALA E 216 -11.46 -1.70 32.69
CA ALA E 216 -10.15 -2.16 33.13
C ALA E 216 -9.33 -2.66 31.95
N TYR E 217 -9.95 -3.43 31.05
CA TYR E 217 -9.23 -3.90 29.88
C TYR E 217 -8.83 -2.74 28.99
N THR E 218 -9.75 -1.78 28.79
CA THR E 218 -9.45 -0.62 27.96
C THR E 218 -8.34 0.23 28.59
N TYR E 219 -8.40 0.43 29.91
CA TYR E 219 -7.35 1.16 30.61
C TYR E 219 -6.01 0.45 30.47
N ASN E 220 -6.01 -0.88 30.58
CA ASN E 220 -4.79 -1.66 30.41
C ASN E 220 -4.20 -1.44 29.02
N ARG E 221 -5.04 -1.51 27.99
CA ARG E 221 -4.58 -1.26 26.63
C ARG E 221 -4.11 0.18 26.46
N MET E 222 -4.81 1.12 27.09
CA MET E 222 -4.50 2.53 26.92
C MET E 222 -3.11 2.86 27.43
N VAL E 223 -2.74 2.31 28.59
CA VAL E 223 -1.45 2.63 29.21
C VAL E 223 -0.31 2.19 28.31
N ARG E 224 -0.44 1.01 27.70
CA ARG E 224 0.63 0.47 26.86
C ARG E 224 0.89 1.37 25.66
N PHE E 225 -0.16 1.90 25.05
CA PHE E 225 -0.02 2.71 23.84
C PHE E 225 0.69 4.04 24.11
N ILE E 226 0.66 4.53 25.35
CA ILE E 226 1.43 5.72 25.68
C ILE E 226 2.92 5.44 25.52
N ILE E 227 3.35 4.25 25.93
CA ILE E 227 4.75 3.88 25.81
C ILE E 227 5.10 3.62 24.34
N ASN E 228 4.10 3.24 23.54
CA ASN E 228 4.33 2.90 22.14
C ASN E 228 4.38 4.13 21.24
N TYR E 229 3.52 5.11 21.49
CA TYR E 229 3.40 6.25 20.58
C TYR E 229 3.86 7.57 21.18
N VAL E 230 3.95 7.69 22.50
CA VAL E 230 4.29 8.93 23.19
C VAL E 230 3.42 10.10 22.73
N GLY E 231 2.14 9.85 22.51
CA GLY E 231 1.26 10.86 21.95
C GLY E 231 0.54 11.67 23.00
N LYS E 232 0.30 12.94 22.66
CA LYS E 232 -0.39 13.87 23.56
C LYS E 232 -1.88 13.92 23.34
N TRP E 233 -2.34 13.60 22.12
CA TRP E 233 -3.77 13.66 21.82
C TRP E 233 -4.54 12.64 22.65
N HIS E 234 -4.01 11.44 22.80
CA HIS E 234 -4.72 10.39 23.52
C HIS E 234 -4.52 10.46 25.03
N MET E 235 -3.59 11.28 25.52
CA MET E 235 -3.35 11.37 26.96
C MET E 235 -4.57 11.92 27.70
N GLN E 236 -4.95 13.17 27.39
CA GLN E 236 -6.03 13.82 28.10
C GLN E 236 -7.33 13.05 27.95
N THR E 237 -7.63 12.59 26.73
CA THR E 237 -8.89 11.90 26.51
C THR E 237 -8.94 10.60 27.31
N LEU E 238 -7.86 9.81 27.25
CA LEU E 238 -7.90 8.55 27.95
C LEU E 238 -7.94 8.76 29.46
N HIS E 239 -7.40 9.88 29.94
CA HIS E 239 -7.50 10.13 31.38
C HIS E 239 -8.89 10.58 31.77
N VAL E 240 -9.55 11.37 30.91
CA VAL E 240 -10.89 11.82 31.23
C VAL E 240 -11.83 10.62 31.25
N LEU E 241 -11.70 9.73 30.25
CA LEU E 241 -12.57 8.57 30.19
C LEU E 241 -12.29 7.60 31.33
N LEU E 242 -11.02 7.49 31.74
CA LEU E 242 -10.69 6.64 32.88
C LEU E 242 -11.30 7.18 34.16
N VAL E 243 -11.14 8.47 34.42
CA VAL E 243 -11.68 9.04 35.65
C VAL E 243 -13.21 9.01 35.66
N VAL E 244 -13.86 9.27 34.51
CA VAL E 244 -15.32 9.23 34.50
C VAL E 244 -15.82 7.81 34.77
N VAL E 245 -15.23 6.80 34.12
CA VAL E 245 -15.73 5.45 34.31
C VAL E 245 -15.42 4.96 35.71
N VAL E 246 -14.27 5.35 36.26
CA VAL E 246 -13.90 4.99 37.63
C VAL E 246 -14.91 5.59 38.61
N SER E 247 -15.23 6.87 38.41
CA SER E 247 -16.21 7.54 39.27
C SER E 247 -17.57 6.86 39.16
N PHE E 248 -18.01 6.56 37.94
CA PHE E 248 -19.33 5.96 37.76
C PHE E 248 -19.41 4.59 38.43
N ALA E 249 -18.32 3.81 38.36
CA ALA E 249 -18.32 2.50 39.00
C ALA E 249 -18.31 2.66 40.52
N SER E 250 -17.50 3.58 41.03
CA SER E 250 -17.34 3.71 42.47
C SER E 250 -18.66 4.19 43.05
N PHE E 251 -19.25 5.20 42.40
CA PHE E 251 -20.47 5.82 42.85
C PHE E 251 -21.60 4.80 42.88
N TRP E 252 -21.92 4.21 41.71
CA TRP E 252 -23.07 3.32 41.63
C TRP E 252 -22.91 2.08 42.52
N PHE E 253 -21.69 1.51 42.61
CA PHE E 253 -21.36 0.29 43.37
C PHE E 253 -22.19 0.07 44.65
N PRO E 254 -22.06 0.92 45.70
CA PRO E 254 -22.75 0.63 46.98
C PRO E 254 -24.25 0.41 46.87
N PHE E 255 -24.96 1.20 46.05
CA PHE E 255 -26.41 1.03 45.96
C PHE E 255 -26.77 -0.34 45.40
N ASN E 256 -26.04 -0.81 44.39
CA ASN E 256 -26.32 -2.13 43.85
C ASN E 256 -25.89 -3.23 44.82
N LEU E 257 -24.82 -3.01 45.59
CA LEU E 257 -24.47 -3.94 46.65
C LEU E 257 -25.59 -4.04 47.69
N ALA E 258 -26.16 -2.89 48.05
CA ALA E 258 -27.24 -2.87 49.03
C ALA E 258 -28.47 -3.60 48.50
N LEU E 259 -28.85 -3.33 47.25
CA LEU E 259 -30.01 -3.99 46.68
C LEU E 259 -29.78 -5.49 46.55
N PHE E 260 -28.54 -5.89 46.23
CA PHE E 260 -28.20 -7.31 46.13
C PHE E 260 -28.35 -7.99 47.48
N LEU E 261 -27.56 -7.55 48.47
CA LEU E 261 -27.56 -8.16 49.79
C LEU E 261 -28.93 -8.08 50.47
N GLU E 262 -29.72 -7.06 50.16
CA GLU E 262 -31.07 -6.97 50.71
C GLU E 262 -31.94 -8.12 50.24
N SER E 263 -31.90 -8.41 48.93
CA SER E 263 -32.69 -9.52 48.40
C SER E 263 -32.21 -10.86 48.94
N ILE E 264 -30.91 -11.01 49.11
CA ILE E 264 -30.34 -12.27 49.60
C ILE E 264 -30.74 -12.53 51.04
N ASP E 273 -38.15 -4.54 61.47
CA ASP E 273 -36.94 -5.22 61.92
C ASP E 273 -35.69 -4.59 61.30
N THR E 274 -34.52 -5.04 61.77
CA THR E 274 -33.26 -4.42 61.36
C THR E 274 -33.06 -4.54 59.85
N LEU E 275 -33.44 -5.69 59.27
CA LEU E 275 -33.33 -5.88 57.84
C LEU E 275 -34.13 -4.82 57.08
N GLN E 276 -35.39 -4.63 57.47
CA GLN E 276 -36.27 -3.69 56.77
C GLN E 276 -35.74 -2.26 56.88
N ASN E 277 -35.35 -1.85 58.10
CA ASN E 277 -34.88 -0.49 58.31
C ASN E 277 -33.61 -0.23 57.52
N VAL E 278 -32.66 -1.17 57.57
CA VAL E 278 -31.38 -0.99 56.89
C VAL E 278 -31.59 -0.94 55.39
N ILE E 279 -32.43 -1.83 54.86
CA ILE E 279 -32.71 -1.84 53.43
C ILE E 279 -33.37 -0.53 53.01
N ILE E 280 -34.34 -0.05 53.81
CA ILE E 280 -35.04 1.18 53.49
C ILE E 280 -34.05 2.34 53.42
N PHE E 281 -33.22 2.48 54.46
CA PHE E 281 -32.22 3.54 54.50
C PHE E 281 -31.28 3.45 53.30
N CYS E 282 -30.84 2.23 52.98
CA CYS E 282 -29.87 2.04 51.91
C CYS E 282 -30.47 2.45 50.58
N LEU E 283 -31.69 1.98 50.28
CA LEU E 283 -32.29 2.34 49.00
C LEU E 283 -32.59 3.82 48.96
N TYR E 284 -32.90 4.41 50.12
CA TYR E 284 -33.22 5.83 50.23
C TYR E 284 -32.02 6.64 49.76
N VAL E 285 -30.90 6.49 50.48
CA VAL E 285 -29.71 7.26 50.17
C VAL E 285 -29.23 6.94 48.76
N GLY E 286 -29.29 5.66 48.38
CA GLY E 286 -28.96 5.22 47.03
C GLY E 286 -29.64 6.08 45.99
N GLN E 287 -30.98 6.01 45.99
CA GLN E 287 -31.81 6.80 45.08
C GLN E 287 -31.41 8.27 45.10
N PHE E 288 -31.20 8.84 46.30
CA PHE E 288 -30.84 10.25 46.40
C PHE E 288 -29.53 10.52 45.67
N LEU E 289 -28.55 9.64 45.85
CA LEU E 289 -27.25 9.80 45.21
C LEU E 289 -27.39 9.69 43.70
N ALA E 290 -28.16 8.71 43.23
CA ALA E 290 -28.35 8.53 41.79
C ALA E 290 -29.00 9.77 41.18
N TYR E 291 -30.01 10.31 41.87
CA TYR E 291 -30.64 11.55 41.46
C TYR E 291 -29.62 12.66 41.29
N VAL E 292 -28.90 12.97 42.38
CA VAL E 292 -27.95 14.09 42.35
C VAL E 292 -26.89 13.87 41.28
N ARG E 293 -26.42 12.63 41.13
CA ARG E 293 -25.40 12.32 40.13
C ARG E 293 -25.91 12.54 38.70
N ALA E 294 -27.17 12.18 38.43
CA ALA E 294 -27.71 12.39 37.10
C ALA E 294 -27.71 13.85 36.70
N CYS E 295 -27.93 14.76 37.66
CA CYS E 295 -27.93 16.19 37.34
C CYS E 295 -26.55 16.67 36.93
N LEU E 296 -25.51 16.28 37.66
CA LEU E 296 -24.19 16.87 37.51
C LEU E 296 -23.21 16.04 36.71
N ASN E 297 -23.65 14.94 36.10
CA ASN E 297 -22.73 14.06 35.37
C ASN E 297 -21.95 14.80 34.28
N PRO E 298 -22.54 15.67 33.45
CA PRO E 298 -21.73 16.47 32.50
C PRO E 298 -20.65 17.35 33.13
N GLY E 299 -20.61 17.49 34.46
CA GLY E 299 -19.63 18.38 35.08
C GLY E 299 -18.19 18.00 34.79
N ILE E 300 -17.88 16.71 34.74
CA ILE E 300 -16.52 16.27 34.45
C ILE E 300 -16.10 16.68 33.04
N TYR E 301 -17.04 16.82 32.13
CA TYR E 301 -16.74 17.19 30.75
C TYR E 301 -16.10 18.57 30.67
N ILE E 302 -16.55 19.51 31.50
CA ILE E 302 -16.08 20.89 31.42
C ILE E 302 -14.79 21.08 32.19
N LEU E 303 -14.62 20.38 33.31
CA LEU E 303 -13.43 20.58 34.14
C LEU E 303 -12.15 20.16 33.41
N VAL E 304 -12.21 19.09 32.62
CA VAL E 304 -11.03 18.55 31.97
C VAL E 304 -10.91 19.04 30.53
N GLY E 305 -12.02 19.04 29.79
CA GLY E 305 -12.01 19.36 28.38
C GLY E 305 -11.88 20.84 28.08
N THR E 306 -12.84 21.61 28.61
CA THR E 306 -13.03 23.07 28.46
C THR E 306 -13.57 23.41 27.08
N GLN E 307 -13.38 22.53 26.11
CA GLN E 307 -13.79 22.83 24.73
C GLN E 307 -15.30 23.06 24.66
N MET E 308 -16.06 22.24 25.37
CA MET E 308 -17.52 22.37 25.39
C MET E 308 -17.94 23.73 25.92
N ARG E 309 -17.29 24.20 26.99
CA ARG E 309 -17.69 25.46 27.60
C ARG E 309 -17.53 26.58 26.60
N LYS E 310 -16.37 26.61 25.92
CA LYS E 310 -16.09 27.69 24.97
C LYS E 310 -17.09 27.63 23.83
N ASP E 311 -17.34 26.42 23.31
CA ASP E 311 -18.23 26.29 22.17
C ASP E 311 -19.63 26.76 22.54
N MET E 312 -20.11 26.34 23.71
CA MET E 312 -21.46 26.70 24.13
C MET E 312 -21.57 28.21 24.31
N TRP E 313 -20.56 28.82 24.94
CA TRP E 313 -20.64 30.26 25.19
C TRP E 313 -20.65 31.00 23.87
N THR E 314 -19.81 30.58 22.93
CA THR E 314 -19.71 31.25 21.64
C THR E 314 -21.04 31.15 20.89
N THR E 315 -21.66 29.96 20.93
CA THR E 315 -22.92 29.77 20.23
C THR E 315 -24.01 30.67 20.77
N LEU E 316 -24.09 30.82 22.08
CA LEU E 316 -25.10 31.66 22.73
C LEU E 316 -24.95 33.12 22.33
PB GDP F . 11.27 23.48 -16.72
O1B GDP F . 10.11 23.46 -17.70
O2B GDP F . 11.84 22.08 -16.58
O3B GDP F . 10.80 23.99 -15.39
O3A GDP F . 12.40 24.45 -17.29
PA GDP F . 13.79 24.61 -16.51
O1A GDP F . 14.70 23.45 -16.80
O2A GDP F . 13.57 24.76 -15.02
O5' GDP F . 14.40 25.96 -17.13
C5' GDP F . 15.64 26.47 -16.67
C4' GDP F . 15.91 27.78 -17.38
O4' GDP F . 14.99 28.77 -16.93
C3' GDP F . 17.30 28.30 -17.05
O3' GDP F . 18.12 28.25 -18.21
C2' GDP F . 17.11 29.74 -16.64
O2' GDP F . 17.91 30.58 -17.47
C1' GDP F . 15.64 30.03 -16.87
N9 GDP F . 15.08 30.89 -15.80
C8 GDP F . 14.15 30.53 -14.91
N7 GDP F . 13.85 31.55 -14.07
C5 GDP F . 14.62 32.60 -14.44
C6 GDP F . 14.81 34.00 -13.98
O6 GDP F . 14.16 34.44 -13.02
N1 GDP F . 15.69 34.75 -14.62
C2 GDP F . 16.41 34.29 -15.67
N2 GDP F . 17.28 35.13 -16.26
N3 GDP F . 16.28 33.03 -16.15
C4 GDP F . 15.43 32.16 -15.58
#